data_123D
# 
_entry.id   123D 
# 
_audit_conform.dict_name       mmcif_pdbx.dic 
_audit_conform.dict_version    5.385 
_audit_conform.dict_location   http://mmcif.pdb.org/dictionaries/ascii/mmcif_pdbx.dic 
# 
loop_
_database_2.database_id 
_database_2.database_code 
_database_2.pdbx_database_accession 
_database_2.pdbx_DOI 
PDB   123D         pdb_0000123d 10.2210/pdb123d/pdb 
RCSB  BDJB50       ?            ?                   
WWPDB D_1000170056 ?            ?                   
# 
loop_
_pdbx_audit_revision_history.ordinal 
_pdbx_audit_revision_history.data_content_type 
_pdbx_audit_revision_history.major_revision 
_pdbx_audit_revision_history.minor_revision 
_pdbx_audit_revision_history.revision_date 
1 'Structure model' 1 0 1993-10-15 
2 'Structure model' 1 1 2008-05-22 
3 'Structure model' 1 2 2011-07-13 
4 'Structure model' 1 3 2018-04-18 
5 'Structure model' 1 4 2024-02-07 
# 
_pdbx_audit_revision_details.ordinal             1 
_pdbx_audit_revision_details.revision_ordinal    1 
_pdbx_audit_revision_details.data_content_type   'Structure model' 
_pdbx_audit_revision_details.provider            repository 
_pdbx_audit_revision_details.type                'Initial release' 
_pdbx_audit_revision_details.description         ? 
_pdbx_audit_revision_details.details             ? 
# 
loop_
_pdbx_audit_revision_group.ordinal 
_pdbx_audit_revision_group.revision_ordinal 
_pdbx_audit_revision_group.data_content_type 
_pdbx_audit_revision_group.group 
1 2 'Structure model' 'Version format compliance' 
2 3 'Structure model' 'Version format compliance' 
3 4 'Structure model' 'Data collection'           
4 5 'Structure model' 'Data collection'           
5 5 'Structure model' 'Database references'       
6 5 'Structure model' 'Derived calculations'      
# 
loop_
_pdbx_audit_revision_category.ordinal 
_pdbx_audit_revision_category.revision_ordinal 
_pdbx_audit_revision_category.data_content_type 
_pdbx_audit_revision_category.category 
1 4 'Structure model' diffrn_detector 
2 5 'Structure model' chem_comp_atom  
3 5 'Structure model' chem_comp_bond  
4 5 'Structure model' database_2      
5 5 'Structure model' struct_conn     
# 
loop_
_pdbx_audit_revision_item.ordinal 
_pdbx_audit_revision_item.revision_ordinal 
_pdbx_audit_revision_item.data_content_type 
_pdbx_audit_revision_item.item 
1 4 'Structure model' '_diffrn_detector.detector'           
2 5 'Structure model' '_database_2.pdbx_DOI'                
3 5 'Structure model' '_database_2.pdbx_database_accession' 
4 5 'Structure model' '_struct_conn.pdbx_leaving_atom_flag' 
# 
_pdbx_database_status.status_code                     REL 
_pdbx_database_status.entry_id                        123D 
_pdbx_database_status.recvd_initial_deposition_date   1993-05-03 
_pdbx_database_status.deposit_site                    BNL 
_pdbx_database_status.process_site                    NDB 
_pdbx_database_status.SG_entry                        . 
_pdbx_database_status.pdb_format_compatible           Y 
_pdbx_database_status.status_code_mr                  ? 
_pdbx_database_status.status_code_sf                  ? 
_pdbx_database_status.status_code_cs                  ? 
_pdbx_database_status.methods_development_category    ? 
_pdbx_database_status.status_code_nmr_data            ? 
# 
loop_
_audit_author.name 
_audit_author.pdbx_ordinal 
'Hahn, M.'      1 
'Heinemann, U.' 2 
# 
loop_
_citation.id 
_citation.title 
_citation.journal_abbrev 
_citation.journal_volume 
_citation.page_first 
_citation.page_last 
_citation.year 
_citation.journal_id_ASTM 
_citation.country 
_citation.journal_id_ISSN 
_citation.journal_id_CSD 
_citation.book_publisher 
_citation.pdbx_database_id_PubMed 
_citation.pdbx_database_id_DOI 
primary 
'DNA helix structure and refinement algorithm: comparison of models for d(CCAGGCm5CTGG) derived from NUCLSQ, TNT and X-PLOR.' 
'Acta Crystallogr.,Sect.D' 49  468  477  1993 ABCRE6 DK 0907-4449 0766 ? 15299506 10.1107/S0907444993004858 
1       'C-C-A-G-G-C-M5C-T-G-G: Helical Fine Structure, Hydration, and Comparison with C-C-A-G-G-C-C-T-G-G' J.Biol.Chem. 267 7332 
7341 1992 JBCHA3 US 0021-9258 0071 ? ?        ?                         
2       'Double Helix Conformation, Groove Dimensions and Ligand Binding Potential of a G/C-Stretch in B-DNA' 'Embo J.' 11  1931 
1939 1992 EMJODG UK 0261-4189 0897 ? ?        ?                         
3       'The Conformation of a B-DNA Decamer Is Mainly Determined by Its Sequence and Not by Crystal Environment' 'Embo J.' 10  35 
43   1991 EMJODG UK 0261-4189 0897 ? ?        ?                         
4       'Crystallographic Study of One Turn of G/C-Rich B-DNA' J.Mol.Biol.                210 369  381  1989 JMOBAK UK 0022-2836 
0070 ? ?        ?                         
# 
loop_
_citation_author.citation_id 
_citation_author.name 
_citation_author.ordinal 
_citation_author.identifier_ORCID 
primary 'Hahn, M.'      1  ? 
primary 'Heinemann, U.' 2  ? 
1       'Heinemann, U.' 3  ? 
1       'Hahn, M.'      4  ? 
2       'Heinemann, U.' 5  ? 
2       'Alings, C.'    6  ? 
2       'Bansal, M.'    7  ? 
3       'Heinemann, U.' 8  ? 
3       'Alings, C.'    9  ? 
4       'Heinemann, U.' 10 ? 
4       'Alings, C.'    11 ? 
# 
loop_
_entity.id 
_entity.type 
_entity.src_method 
_entity.pdbx_description 
_entity.formula_weight 
_entity.pdbx_number_of_molecules 
_entity.pdbx_ec 
_entity.pdbx_mutation 
_entity.pdbx_fragment 
_entity.details 
1 polymer syn 
;DNA (5'-D(*CP*CP*AP*GP*GP*CP*(5CM)P*TP*GP*G)-3')
;
3060.020 2  ? ? ? ? 
2 water   nat water                                              18.015   80 ? ? ? ? 
# 
_entity_poly.entity_id                      1 
_entity_poly.type                           polydeoxyribonucleotide 
_entity_poly.nstd_linkage                   no 
_entity_poly.nstd_monomer                   yes 
_entity_poly.pdbx_seq_one_letter_code       '(DC)(DC)(DA)(DG)(DG)(DC)(5CM)(DT)(DG)(DG)' 
_entity_poly.pdbx_seq_one_letter_code_can   CCAGGCCTGG 
_entity_poly.pdbx_strand_id                 A,B 
_entity_poly.pdbx_target_identifier         ? 
# 
_pdbx_entity_nonpoly.entity_id   2 
_pdbx_entity_nonpoly.name        water 
_pdbx_entity_nonpoly.comp_id     HOH 
# 
loop_
_entity_poly_seq.entity_id 
_entity_poly_seq.num 
_entity_poly_seq.mon_id 
_entity_poly_seq.hetero 
1 1  DC  n 
1 2  DC  n 
1 3  DA  n 
1 4  DG  n 
1 5  DG  n 
1 6  DC  n 
1 7  5CM n 
1 8  DT  n 
1 9  DG  n 
1 10 DG  n 
# 
loop_
_chem_comp.id 
_chem_comp.type 
_chem_comp.mon_nstd_flag 
_chem_comp.name 
_chem_comp.pdbx_synonyms 
_chem_comp.formula 
_chem_comp.formula_weight 
5CM 'DNA linking' n "5-METHYL-2'-DEOXY-CYTIDINE-5'-MONOPHOSPHATE" ? 'C10 H16 N3 O7 P' 321.224 
DA  'DNA linking' y "2'-DEOXYADENOSINE-5'-MONOPHOSPHATE"          ? 'C10 H14 N5 O6 P' 331.222 
DC  'DNA linking' y "2'-DEOXYCYTIDINE-5'-MONOPHOSPHATE"           ? 'C9 H14 N3 O7 P'  307.197 
DG  'DNA linking' y "2'-DEOXYGUANOSINE-5'-MONOPHOSPHATE"          ? 'C10 H14 N5 O7 P' 347.221 
DT  'DNA linking' y "THYMIDINE-5'-MONOPHOSPHATE"                  ? 'C10 H15 N2 O8 P' 322.208 
HOH non-polymer   . WATER                                         ? 'H2 O'            18.015  
# 
loop_
_pdbx_poly_seq_scheme.asym_id 
_pdbx_poly_seq_scheme.entity_id 
_pdbx_poly_seq_scheme.seq_id 
_pdbx_poly_seq_scheme.mon_id 
_pdbx_poly_seq_scheme.ndb_seq_num 
_pdbx_poly_seq_scheme.pdb_seq_num 
_pdbx_poly_seq_scheme.auth_seq_num 
_pdbx_poly_seq_scheme.pdb_mon_id 
_pdbx_poly_seq_scheme.auth_mon_id 
_pdbx_poly_seq_scheme.pdb_strand_id 
_pdbx_poly_seq_scheme.pdb_ins_code 
_pdbx_poly_seq_scheme.hetero 
A 1 1  DC  1  1  1  DC  C  A . n 
A 1 2  DC  2  2  2  DC  C  A . n 
A 1 3  DA  3  3  3  DA  A  A . n 
A 1 4  DG  4  4  4  DG  G  A . n 
A 1 5  DG  5  5  5  DG  G  A . n 
A 1 6  DC  6  6  6  DC  C  A . n 
A 1 7  5CM 7  7  7  5CM +C A . n 
A 1 8  DT  8  8  8  DT  T  A . n 
A 1 9  DG  9  9  9  DG  G  A . n 
A 1 10 DG  10 10 10 DG  G  A . n 
B 1 1  DC  1  11 11 DC  C  B . n 
B 1 2  DC  2  12 12 DC  C  B . n 
B 1 3  DA  3  13 13 DA  A  B . n 
B 1 4  DG  4  14 14 DG  G  B . n 
B 1 5  DG  5  15 15 DG  G  B . n 
B 1 6  DC  6  16 16 DC  C  B . n 
B 1 7  5CM 7  17 17 5CM +C B . n 
B 1 8  DT  8  18 18 DT  T  B . n 
B 1 9  DG  9  19 19 DG  G  B . n 
B 1 10 DG  10 20 20 DG  G  B . n 
# 
loop_
_pdbx_nonpoly_scheme.asym_id 
_pdbx_nonpoly_scheme.entity_id 
_pdbx_nonpoly_scheme.mon_id 
_pdbx_nonpoly_scheme.ndb_seq_num 
_pdbx_nonpoly_scheme.pdb_seq_num 
_pdbx_nonpoly_scheme.auth_seq_num 
_pdbx_nonpoly_scheme.pdb_mon_id 
_pdbx_nonpoly_scheme.auth_mon_id 
_pdbx_nonpoly_scheme.pdb_strand_id 
_pdbx_nonpoly_scheme.pdb_ins_code 
C 2 HOH 1  21  21  HOH HOH A . 
C 2 HOH 2  23  23  HOH HOH A . 
C 2 HOH 3  24  24  HOH HOH A . 
C 2 HOH 4  27  27  HOH HOH A . 
C 2 HOH 5  29  29  HOH HOH A . 
C 2 HOH 6  30  30  HOH HOH A . 
C 2 HOH 7  31  31  HOH HOH A . 
C 2 HOH 8  32  32  HOH HOH A . 
C 2 HOH 9  33  33  HOH HOH A . 
C 2 HOH 10 34  34  HOH HOH A . 
C 2 HOH 11 35  35  HOH HOH A . 
C 2 HOH 12 37  37  HOH HOH A . 
C 2 HOH 13 38  38  HOH HOH A . 
C 2 HOH 14 40  40  HOH HOH A . 
C 2 HOH 15 42  42  HOH HOH A . 
C 2 HOH 16 45  45  HOH HOH A . 
C 2 HOH 17 46  46  HOH HOH A . 
C 2 HOH 18 47  47  HOH HOH A . 
C 2 HOH 19 48  48  HOH HOH A . 
C 2 HOH 20 50  50  HOH HOH A . 
C 2 HOH 21 54  54  HOH HOH A . 
C 2 HOH 22 56  56  HOH HOH A . 
C 2 HOH 23 58  58  HOH HOH A . 
C 2 HOH 24 59  59  HOH HOH A . 
C 2 HOH 25 62  62  HOH HOH A . 
C 2 HOH 26 66  66  HOH HOH A . 
C 2 HOH 27 69  69  HOH HOH A . 
C 2 HOH 28 71  71  HOH HOH A . 
C 2 HOH 29 72  72  HOH HOH A . 
C 2 HOH 30 75  75  HOH HOH A . 
C 2 HOH 31 77  77  HOH HOH A . 
C 2 HOH 32 80  80  HOH HOH A . 
C 2 HOH 33 85  85  HOH HOH A . 
C 2 HOH 34 86  86  HOH HOH A . 
C 2 HOH 35 87  87  HOH HOH A . 
C 2 HOH 36 89  89  HOH HOH A . 
C 2 HOH 37 90  90  HOH HOH A . 
C 2 HOH 38 91  91  HOH HOH A . 
C 2 HOH 39 92  92  HOH HOH A . 
C 2 HOH 40 94  94  HOH HOH A . 
C 2 HOH 41 95  95  HOH HOH A . 
C 2 HOH 42 97  97  HOH HOH A . 
D 2 HOH 1  22  22  HOH HOH B . 
D 2 HOH 2  25  25  HOH HOH B . 
D 2 HOH 3  26  26  HOH HOH B . 
D 2 HOH 4  28  28  HOH HOH B . 
D 2 HOH 5  36  36  HOH HOH B . 
D 2 HOH 6  39  39  HOH HOH B . 
D 2 HOH 7  41  41  HOH HOH B . 
D 2 HOH 8  43  43  HOH HOH B . 
D 2 HOH 9  44  44  HOH HOH B . 
D 2 HOH 10 49  49  HOH HOH B . 
D 2 HOH 11 51  51  HOH HOH B . 
D 2 HOH 12 52  52  HOH HOH B . 
D 2 HOH 13 53  53  HOH HOH B . 
D 2 HOH 14 55  55  HOH HOH B . 
D 2 HOH 15 57  57  HOH HOH B . 
D 2 HOH 16 60  60  HOH HOH B . 
D 2 HOH 17 61  61  HOH HOH B . 
D 2 HOH 18 63  63  HOH HOH B . 
D 2 HOH 19 64  64  HOH HOH B . 
D 2 HOH 20 65  65  HOH HOH B . 
D 2 HOH 21 67  67  HOH HOH B . 
D 2 HOH 22 68  68  HOH HOH B . 
D 2 HOH 23 70  70  HOH HOH B . 
D 2 HOH 24 73  73  HOH HOH B . 
D 2 HOH 25 74  74  HOH HOH B . 
D 2 HOH 26 76  76  HOH HOH B . 
D 2 HOH 27 78  78  HOH HOH B . 
D 2 HOH 28 79  79  HOH HOH B . 
D 2 HOH 29 81  81  HOH HOH B . 
D 2 HOH 30 82  82  HOH HOH B . 
D 2 HOH 31 83  83  HOH HOH B . 
D 2 HOH 32 84  84  HOH HOH B . 
D 2 HOH 33 88  88  HOH HOH B . 
D 2 HOH 34 93  93  HOH HOH B . 
D 2 HOH 35 96  96  HOH HOH B . 
D 2 HOH 36 98  98  HOH HOH B . 
D 2 HOH 37 99  99  HOH HOH B . 
D 2 HOH 38 100 100 HOH HOH B . 
# 
_software.name             X-PLOR 
_software.classification   refinement 
_software.version          . 
_software.citation_id      ? 
_software.pdbx_ordinal     1 
# 
_cell.entry_id           123D 
_cell.length_a           53.770 
_cell.length_b           53.770 
_cell.length_c           34.350 
_cell.angle_alpha        90.00 
_cell.angle_beta         90.00 
_cell.angle_gamma        120.00 
_cell.Z_PDB              12 
_cell.pdbx_unique_axis   ? 
# 
_symmetry.entry_id                         123D 
_symmetry.space_group_name_H-M             'P 6' 
_symmetry.pdbx_full_space_group_name_H-M   ? 
_symmetry.cell_setting                     ? 
_symmetry.Int_Tables_number                168 
# 
_exptl.entry_id          123D 
_exptl.method            'X-RAY DIFFRACTION' 
_exptl.crystals_number   ? 
# 
_exptl_crystal.id                    1 
_exptl_crystal.density_meas          ? 
_exptl_crystal.density_Matthews      2.34 
_exptl_crystal.density_percent_sol   47.49 
_exptl_crystal.description           ? 
# 
_exptl_crystal_grow.crystal_id      1 
_exptl_crystal_grow.method          MICRODIALYSIS 
_exptl_crystal_grow.temp            277.00 
_exptl_crystal_grow.temp_details    ? 
_exptl_crystal_grow.pH              7.50 
_exptl_crystal_grow.pdbx_details    'pH 7.50, MICRODIALYSIS, temperature 277.00K' 
_exptl_crystal_grow.pdbx_pH_range   ? 
# 
loop_
_exptl_crystal_grow_comp.crystal_id 
_exptl_crystal_grow_comp.id 
_exptl_crystal_grow_comp.sol_id 
_exptl_crystal_grow_comp.name 
_exptl_crystal_grow_comp.volume 
_exptl_crystal_grow_comp.conc 
_exptl_crystal_grow_comp.details 
1 1 1 WATER ? ? ? 
1 2 1 MPD   ? ? ? 
1 3 1 MGCL2 ? ? ? 
1 4 2 WATER ? ? ? 
1 5 2 MPD   ? ? ? 
# 
_diffrn.id                     1 
_diffrn.crystal_id             1 
_diffrn.ambient_temp           ? 
_diffrn.ambient_temp_details   ? 
# 
_diffrn_detector.diffrn_id              1 
_diffrn_detector.detector               DIFFRACTOMETER 
_diffrn_detector.type                   'ENRAF-NONIUS CAD4' 
_diffrn_detector.pdbx_collection_date   ? 
_diffrn_detector.details                ? 
# 
_diffrn_radiation.diffrn_id                        1 
_diffrn_radiation.wavelength_id                    1 
_diffrn_radiation.pdbx_monochromatic_or_laue_m_l   ? 
_diffrn_radiation.monochromator                    ? 
_diffrn_radiation.pdbx_diffrn_protocol             ? 
_diffrn_radiation.pdbx_scattering_type             x-ray 
# 
_diffrn_radiation_wavelength.id           1 
_diffrn_radiation_wavelength.wavelength   1.5418 
_diffrn_radiation_wavelength.wt           1.0 
# 
_diffrn_source.diffrn_id                   1 
_diffrn_source.source                      'ROTATING ANODE' 
_diffrn_source.type                        ? 
_diffrn_source.pdbx_synchrotron_site       ? 
_diffrn_source.pdbx_synchrotron_beamline   ? 
_diffrn_source.pdbx_wavelength             1.5418 
_diffrn_source.pdbx_wavelength_list        ? 
# 
_reflns.entry_id                     123D 
_reflns.observed_criterion_sigma_I   ? 
_reflns.observed_criterion_sigma_F   ? 
_reflns.d_resolution_low             ? 
_reflns.d_resolution_high            1.750 
_reflns.number_obs                   4704 
_reflns.number_all                   7209 
_reflns.percent_possible_obs         ? 
_reflns.pdbx_Rmerge_I_obs            ? 
_reflns.pdbx_Rsym_value              ? 
_reflns.pdbx_netI_over_sigmaI        ? 
_reflns.B_iso_Wilson_estimate        ? 
_reflns.pdbx_redundancy              ? 
_reflns.pdbx_diffrn_id               1 
_reflns.pdbx_ordinal                 1 
# 
_refine.entry_id                                 123D 
_refine.ls_number_reflns_obs                     3799 
_refine.ls_number_reflns_all                     ? 
_refine.pdbx_ls_sigma_I                          ? 
_refine.pdbx_ls_sigma_F                          2.000 
_refine.pdbx_data_cutoff_high_absF               ? 
_refine.pdbx_data_cutoff_low_absF                ? 
_refine.pdbx_data_cutoff_high_rms_absF           ? 
_refine.ls_d_res_low                             8.000 
_refine.ls_d_res_high                            1.700 
_refine.ls_percent_reflns_obs                    ? 
_refine.ls_R_factor_obs                          0.191 
_refine.ls_R_factor_all                          ? 
_refine.ls_R_factor_R_work                       0.191 
_refine.ls_R_factor_R_free                       ? 
_refine.ls_R_factor_R_free_error                 ? 
_refine.ls_R_factor_R_free_error_details         ? 
_refine.ls_percent_reflns_R_free                 ? 
_refine.ls_number_reflns_R_free                  ? 
_refine.ls_number_parameters                     ? 
_refine.ls_number_restraints                     ? 
_refine.occupancy_min                            ? 
_refine.occupancy_max                            ? 
_refine.B_iso_mean                               ? 
_refine.aniso_B[1][1]                            ? 
_refine.aniso_B[2][2]                            ? 
_refine.aniso_B[3][3]                            ? 
_refine.aniso_B[1][2]                            ? 
_refine.aniso_B[1][3]                            ? 
_refine.aniso_B[2][3]                            ? 
_refine.solvent_model_details                    ? 
_refine.solvent_model_param_ksol                 ? 
_refine.solvent_model_param_bsol                 ? 
_refine.pdbx_ls_cross_valid_method               ? 
_refine.details                                  ? 
_refine.pdbx_starting_model                      ? 
_refine.pdbx_method_to_determine_struct          ? 
_refine.pdbx_isotropic_thermal_model             ? 
_refine.pdbx_stereochemistry_target_values       ? 
_refine.pdbx_stereochem_target_val_spec_case     ? 
_refine.pdbx_R_Free_selection_details            ? 
_refine.pdbx_overall_ESU_R                       ? 
_refine.pdbx_overall_ESU_R_Free                  ? 
_refine.overall_SU_ML                            ? 
_refine.overall_SU_B                             ? 
_refine.pdbx_refine_id                           'X-RAY DIFFRACTION' 
_refine.pdbx_diffrn_id                           1 
_refine.pdbx_TLS_residual_ADP_flag               ? 
_refine.correlation_coeff_Fo_to_Fc               ? 
_refine.correlation_coeff_Fo_to_Fc_free          ? 
_refine.pdbx_solvent_vdw_probe_radii             ? 
_refine.pdbx_solvent_ion_probe_radii             ? 
_refine.pdbx_solvent_shrinkage_radii             ? 
_refine.pdbx_overall_phase_error                 ? 
_refine.overall_SU_R_Cruickshank_DPI             ? 
_refine.pdbx_overall_SU_R_free_Cruickshank_DPI   ? 
_refine.pdbx_overall_SU_R_Blow_DPI               ? 
_refine.pdbx_overall_SU_R_free_Blow_DPI          ? 
# 
_refine_hist.pdbx_refine_id                   'X-RAY DIFFRACTION' 
_refine_hist.cycle_id                         LAST 
_refine_hist.pdbx_number_atoms_protein        0 
_refine_hist.pdbx_number_atoms_nucleic_acid   404 
_refine_hist.pdbx_number_atoms_ligand         2 
_refine_hist.number_atoms_solvent             80 
_refine_hist.number_atoms_total               486 
_refine_hist.d_res_high                       1.700 
_refine_hist.d_res_low                        8.000 
# 
_struct.entry_id                  123D 
_struct.title                     
'DNA HELIX STRUCTURE AND REFINEMENT ALGORITHM: COMPARISON OF MODELS FOR D(CCAGGCM==5==CTGG) DERIVED FROM NUCLSQ, TNT, AND X-PLOR' 
_struct.pdbx_model_details        ? 
_struct.pdbx_CASP_flag            ? 
_struct.pdbx_model_type_details   ? 
# 
_struct_keywords.entry_id        123D 
_struct_keywords.pdbx_keywords   DNA 
_struct_keywords.text            'B-DNA, DOUBLE HELIX, MODIFIED, DNA' 
# 
loop_
_struct_asym.id 
_struct_asym.pdbx_blank_PDB_chainid_flag 
_struct_asym.pdbx_modified 
_struct_asym.entity_id 
_struct_asym.details 
A N N 1 ? 
B N N 1 ? 
C N N 2 ? 
D N N 2 ? 
# 
_struct_ref.id                         1 
_struct_ref.entity_id                  1 
_struct_ref.db_name                    PDB 
_struct_ref.db_code                    123D 
_struct_ref.pdbx_db_accession          123D 
_struct_ref.pdbx_db_isoform            ? 
_struct_ref.pdbx_seq_one_letter_code   ? 
_struct_ref.pdbx_align_begin           ? 
# 
loop_
_struct_ref_seq.align_id 
_struct_ref_seq.ref_id 
_struct_ref_seq.pdbx_PDB_id_code 
_struct_ref_seq.pdbx_strand_id 
_struct_ref_seq.seq_align_beg 
_struct_ref_seq.pdbx_seq_align_beg_ins_code 
_struct_ref_seq.seq_align_end 
_struct_ref_seq.pdbx_seq_align_end_ins_code 
_struct_ref_seq.pdbx_db_accession 
_struct_ref_seq.db_align_beg 
_struct_ref_seq.pdbx_db_align_beg_ins_code 
_struct_ref_seq.db_align_end 
_struct_ref_seq.pdbx_db_align_end_ins_code 
_struct_ref_seq.pdbx_auth_seq_align_beg 
_struct_ref_seq.pdbx_auth_seq_align_end 
1 1 123D A 1 ? 10 ? 123D 1  ? 10 ? 1  10 
2 1 123D B 1 ? 10 ? 123D 11 ? 20 ? 11 20 
# 
_pdbx_struct_assembly.id                   1 
_pdbx_struct_assembly.details              author_defined_assembly 
_pdbx_struct_assembly.method_details       ? 
_pdbx_struct_assembly.oligomeric_details   dimeric 
_pdbx_struct_assembly.oligomeric_count     2 
# 
_pdbx_struct_assembly_gen.assembly_id       1 
_pdbx_struct_assembly_gen.oper_expression   1 
_pdbx_struct_assembly_gen.asym_id_list      A,B,C,D 
# 
_pdbx_struct_oper_list.id                   1 
_pdbx_struct_oper_list.type                 'identity operation' 
_pdbx_struct_oper_list.name                 1_555 
_pdbx_struct_oper_list.symmetry_operation   x,y,z 
_pdbx_struct_oper_list.matrix[1][1]         1.0000000000 
_pdbx_struct_oper_list.matrix[1][2]         0.0000000000 
_pdbx_struct_oper_list.matrix[1][3]         0.0000000000 
_pdbx_struct_oper_list.vector[1]            0.0000000000 
_pdbx_struct_oper_list.matrix[2][1]         0.0000000000 
_pdbx_struct_oper_list.matrix[2][2]         1.0000000000 
_pdbx_struct_oper_list.matrix[2][3]         0.0000000000 
_pdbx_struct_oper_list.vector[2]            0.0000000000 
_pdbx_struct_oper_list.matrix[3][1]         0.0000000000 
_pdbx_struct_oper_list.matrix[3][2]         0.0000000000 
_pdbx_struct_oper_list.matrix[3][3]         1.0000000000 
_pdbx_struct_oper_list.vector[3]            0.0000000000 
# 
_struct_biol.id   1 
# 
loop_
_struct_conn.id 
_struct_conn.conn_type_id 
_struct_conn.pdbx_leaving_atom_flag 
_struct_conn.pdbx_PDB_id 
_struct_conn.ptnr1_label_asym_id 
_struct_conn.ptnr1_label_comp_id 
_struct_conn.ptnr1_label_seq_id 
_struct_conn.ptnr1_label_atom_id 
_struct_conn.pdbx_ptnr1_label_alt_id 
_struct_conn.pdbx_ptnr1_PDB_ins_code 
_struct_conn.pdbx_ptnr1_standard_comp_id 
_struct_conn.ptnr1_symmetry 
_struct_conn.ptnr2_label_asym_id 
_struct_conn.ptnr2_label_comp_id 
_struct_conn.ptnr2_label_seq_id 
_struct_conn.ptnr2_label_atom_id 
_struct_conn.pdbx_ptnr2_label_alt_id 
_struct_conn.pdbx_ptnr2_PDB_ins_code 
_struct_conn.ptnr1_auth_asym_id 
_struct_conn.ptnr1_auth_comp_id 
_struct_conn.ptnr1_auth_seq_id 
_struct_conn.ptnr2_auth_asym_id 
_struct_conn.ptnr2_auth_comp_id 
_struct_conn.ptnr2_auth_seq_id 
_struct_conn.ptnr2_symmetry 
_struct_conn.pdbx_ptnr3_label_atom_id 
_struct_conn.pdbx_ptnr3_label_seq_id 
_struct_conn.pdbx_ptnr3_label_comp_id 
_struct_conn.pdbx_ptnr3_label_asym_id 
_struct_conn.pdbx_ptnr3_label_alt_id 
_struct_conn.pdbx_ptnr3_PDB_ins_code 
_struct_conn.details 
_struct_conn.pdbx_dist_value 
_struct_conn.pdbx_value_order 
_struct_conn.pdbx_role 
covale1  covale both ? A DC  6  "O3'" ? ? ? 1_555 A 5CM 7  P  ? ? A DC  6  A 5CM 7  1_555 ? ? ? ? ? ? ?            1.622 ? ? 
covale2  covale both ? A 5CM 7  "O3'" ? ? ? 1_555 A DT  8  P  ? ? A 5CM 7  A DT  8  1_555 ? ? ? ? ? ? ?            1.561 ? ? 
covale3  covale both ? B DC  6  "O3'" ? ? ? 1_555 B 5CM 7  P  ? ? B DC  16 B 5CM 17 1_555 ? ? ? ? ? ? ?            1.606 ? ? 
covale4  covale both ? B 5CM 7  "O3'" ? ? ? 1_555 B DT  8  P  ? ? B 5CM 17 B DT  18 1_555 ? ? ? ? ? ? ?            1.587 ? ? 
hydrog1  hydrog ?    ? A DC  1  N3    ? ? ? 1_555 B DG  10 N1 ? ? A DC  1  B DG  20 1_555 ? ? ? ? ? ? WATSON-CRICK ?     ? ? 
hydrog2  hydrog ?    ? A DC  1  N4    ? ? ? 1_555 B DG  10 O6 ? ? A DC  1  B DG  20 1_555 ? ? ? ? ? ? WATSON-CRICK ?     ? ? 
hydrog3  hydrog ?    ? A DC  1  O2    ? ? ? 1_555 B DG  10 N2 ? ? A DC  1  B DG  20 1_555 ? ? ? ? ? ? WATSON-CRICK ?     ? ? 
hydrog4  hydrog ?    ? A DC  2  N3    ? ? ? 1_555 B DG  9  N1 ? ? A DC  2  B DG  19 1_555 ? ? ? ? ? ? WATSON-CRICK ?     ? ? 
hydrog5  hydrog ?    ? A DC  2  N4    ? ? ? 1_555 B DG  9  O6 ? ? A DC  2  B DG  19 1_555 ? ? ? ? ? ? WATSON-CRICK ?     ? ? 
hydrog6  hydrog ?    ? A DC  2  O2    ? ? ? 1_555 B DG  9  N2 ? ? A DC  2  B DG  19 1_555 ? ? ? ? ? ? WATSON-CRICK ?     ? ? 
hydrog7  hydrog ?    ? A DA  3  N1    ? ? ? 1_555 B DT  8  N3 ? ? A DA  3  B DT  18 1_555 ? ? ? ? ? ? WATSON-CRICK ?     ? ? 
hydrog8  hydrog ?    ? A DA  3  N6    ? ? ? 1_555 B DT  8  O4 ? ? A DA  3  B DT  18 1_555 ? ? ? ? ? ? WATSON-CRICK ?     ? ? 
hydrog9  hydrog ?    ? A DG  4  N1    ? ? ? 1_555 B 5CM 7  N3 ? ? A DG  4  B 5CM 17 1_555 ? ? ? ? ? ? WATSON-CRICK ?     ? ? 
hydrog10 hydrog ?    ? A DG  4  N2    ? ? ? 1_555 B 5CM 7  O2 ? ? A DG  4  B 5CM 17 1_555 ? ? ? ? ? ? WATSON-CRICK ?     ? ? 
hydrog11 hydrog ?    ? A DG  4  O6    ? ? ? 1_555 B 5CM 7  N4 ? ? A DG  4  B 5CM 17 1_555 ? ? ? ? ? ? WATSON-CRICK ?     ? ? 
hydrog12 hydrog ?    ? A DG  5  N1    ? ? ? 1_555 B DC  6  N3 ? ? A DG  5  B DC  16 1_555 ? ? ? ? ? ? WATSON-CRICK ?     ? ? 
hydrog13 hydrog ?    ? A DG  5  N2    ? ? ? 1_555 B DC  6  O2 ? ? A DG  5  B DC  16 1_555 ? ? ? ? ? ? WATSON-CRICK ?     ? ? 
hydrog14 hydrog ?    ? A DG  5  O6    ? ? ? 1_555 B DC  6  N4 ? ? A DG  5  B DC  16 1_555 ? ? ? ? ? ? WATSON-CRICK ?     ? ? 
hydrog15 hydrog ?    ? A DC  6  N3    ? ? ? 1_555 B DG  5  N1 ? ? A DC  6  B DG  15 1_555 ? ? ? ? ? ? WATSON-CRICK ?     ? ? 
hydrog16 hydrog ?    ? A DC  6  N4    ? ? ? 1_555 B DG  5  O6 ? ? A DC  6  B DG  15 1_555 ? ? ? ? ? ? WATSON-CRICK ?     ? ? 
hydrog17 hydrog ?    ? A DC  6  O2    ? ? ? 1_555 B DG  5  N2 ? ? A DC  6  B DG  15 1_555 ? ? ? ? ? ? WATSON-CRICK ?     ? ? 
hydrog18 hydrog ?    ? A 5CM 7  N3    ? ? ? 1_555 B DG  4  N1 ? ? A 5CM 7  B DG  14 1_555 ? ? ? ? ? ? WATSON-CRICK ?     ? ? 
hydrog19 hydrog ?    ? A 5CM 7  N4    ? ? ? 1_555 B DG  4  O6 ? ? A 5CM 7  B DG  14 1_555 ? ? ? ? ? ? WATSON-CRICK ?     ? ? 
hydrog20 hydrog ?    ? A 5CM 7  O2    ? ? ? 1_555 B DG  4  N2 ? ? A 5CM 7  B DG  14 1_555 ? ? ? ? ? ? WATSON-CRICK ?     ? ? 
hydrog21 hydrog ?    ? A DT  8  N3    ? ? ? 1_555 B DA  3  N1 ? ? A DT  8  B DA  13 1_555 ? ? ? ? ? ? WATSON-CRICK ?     ? ? 
hydrog22 hydrog ?    ? A DT  8  O4    ? ? ? 1_555 B DA  3  N6 ? ? A DT  8  B DA  13 1_555 ? ? ? ? ? ? WATSON-CRICK ?     ? ? 
hydrog23 hydrog ?    ? A DG  9  N1    ? ? ? 1_555 B DC  2  N3 ? ? A DG  9  B DC  12 1_555 ? ? ? ? ? ? WATSON-CRICK ?     ? ? 
hydrog24 hydrog ?    ? A DG  9  N2    ? ? ? 1_555 B DC  2  O2 ? ? A DG  9  B DC  12 1_555 ? ? ? ? ? ? WATSON-CRICK ?     ? ? 
hydrog25 hydrog ?    ? A DG  9  O6    ? ? ? 1_555 B DC  2  N4 ? ? A DG  9  B DC  12 1_555 ? ? ? ? ? ? WATSON-CRICK ?     ? ? 
hydrog26 hydrog ?    ? A DG  10 N1    ? ? ? 1_555 B DC  1  N3 ? ? A DG  10 B DC  11 1_555 ? ? ? ? ? ? WATSON-CRICK ?     ? ? 
hydrog27 hydrog ?    ? A DG  10 N2    ? ? ? 1_555 B DC  1  O2 ? ? A DG  10 B DC  11 1_555 ? ? ? ? ? ? WATSON-CRICK ?     ? ? 
hydrog28 hydrog ?    ? A DG  10 O6    ? ? ? 1_555 B DC  1  N4 ? ? A DG  10 B DC  11 1_555 ? ? ? ? ? ? WATSON-CRICK ?     ? ? 
# 
loop_
_struct_conn_type.id 
_struct_conn_type.criteria 
_struct_conn_type.reference 
covale ? ? 
hydrog ? ? 
# 
loop_
_pdbx_validate_close_contact.id 
_pdbx_validate_close_contact.PDB_model_num 
_pdbx_validate_close_contact.auth_atom_id_1 
_pdbx_validate_close_contact.auth_asym_id_1 
_pdbx_validate_close_contact.auth_comp_id_1 
_pdbx_validate_close_contact.auth_seq_id_1 
_pdbx_validate_close_contact.PDB_ins_code_1 
_pdbx_validate_close_contact.label_alt_id_1 
_pdbx_validate_close_contact.auth_atom_id_2 
_pdbx_validate_close_contact.auth_asym_id_2 
_pdbx_validate_close_contact.auth_comp_id_2 
_pdbx_validate_close_contact.auth_seq_id_2 
_pdbx_validate_close_contact.PDB_ins_code_2 
_pdbx_validate_close_contact.label_alt_id_2 
_pdbx_validate_close_contact.dist 
1 1 C8 A DA 3 ? ? O A HOH 87 ? ? 1.00 
2 1 N9 A DA 3 ? ? O A HOH 87 ? ? 1.51 
3 1 N7 A DA 3 ? ? O A HOH 87 ? ? 1.84 
# 
loop_
_pdbx_validate_rmsd_bond.id 
_pdbx_validate_rmsd_bond.PDB_model_num 
_pdbx_validate_rmsd_bond.auth_atom_id_1 
_pdbx_validate_rmsd_bond.auth_asym_id_1 
_pdbx_validate_rmsd_bond.auth_comp_id_1 
_pdbx_validate_rmsd_bond.auth_seq_id_1 
_pdbx_validate_rmsd_bond.PDB_ins_code_1 
_pdbx_validate_rmsd_bond.label_alt_id_1 
_pdbx_validate_rmsd_bond.auth_atom_id_2 
_pdbx_validate_rmsd_bond.auth_asym_id_2 
_pdbx_validate_rmsd_bond.auth_comp_id_2 
_pdbx_validate_rmsd_bond.auth_seq_id_2 
_pdbx_validate_rmsd_bond.PDB_ins_code_2 
_pdbx_validate_rmsd_bond.label_alt_id_2 
_pdbx_validate_rmsd_bond.bond_value 
_pdbx_validate_rmsd_bond.bond_target_value 
_pdbx_validate_rmsd_bond.bond_deviation 
_pdbx_validate_rmsd_bond.bond_standard_deviation 
_pdbx_validate_rmsd_bond.linker_flag 
1  1 N1    A DC 1  ? ? C6    A DC 1  ? ? 1.325 1.367 -0.042 0.006 N 
2  1 C2    A DC 2  ? ? N3    A DC 2  ? ? 1.405 1.353 0.052  0.008 N 
3  1 C5    A DA 3  ? ? C6    A DA 3  ? ? 1.345 1.406 -0.061 0.009 N 
4  1 N9    A DG 4  ? ? C4    A DG 4  ? ? 1.426 1.375 0.051  0.008 N 
5  1 C5    A DG 5  ? ? N7    A DG 5  ? ? 1.443 1.388 0.055  0.006 N 
6  1 "O4'" A DT 8  ? ? "C4'" A DT 8  ? ? 1.373 1.446 -0.073 0.010 N 
7  1 C2    A DT 8  ? ? O2    A DT 8  ? ? 1.171 1.220 -0.049 0.008 N 
8  1 C5    A DT 8  ? ? C7    A DT 8  ? ? 1.549 1.496 0.053  0.006 N 
9  1 "C5'" A DG 9  ? ? "C4'" A DG 9  ? ? 1.571 1.512 0.059  0.007 N 
10 1 C2    A DG 9  ? ? N3    A DG 9  ? ? 1.272 1.323 -0.051 0.008 N 
11 1 "C5'" A DG 10 ? ? "C4'" A DG 10 ? ? 1.570 1.512 0.058  0.007 N 
12 1 "C2'" A DG 10 ? ? "C1'" A DG 10 ? ? 1.588 1.519 0.069  0.010 N 
13 1 C5    A DG 10 ? ? N7    A DG 10 ? ? 1.322 1.388 -0.066 0.006 N 
14 1 N1    B DC 11 ? ? C2    B DC 11 ? ? 1.325 1.397 -0.072 0.010 N 
15 1 C4    B DC 12 ? ? N4    B DC 12 ? ? 1.269 1.335 -0.066 0.009 N 
16 1 N1    B DC 12 ? ? C2    B DC 12 ? ? 1.322 1.397 -0.075 0.010 N 
17 1 N1    B DC 12 ? ? C6    B DC 12 ? ? 1.316 1.367 -0.051 0.006 N 
18 1 N3    B DA 13 ? ? C4    B DA 13 ? ? 1.380 1.344 0.036  0.006 N 
19 1 C4    B DA 13 ? ? C5    B DA 13 ? ? 1.329 1.383 -0.054 0.007 N 
20 1 C6    B DA 13 ? ? N6    B DA 13 ? ? 1.274 1.335 -0.061 0.008 N 
21 1 "O3'" B DG 15 ? ? "C3'" B DG 15 ? ? 1.382 1.419 -0.037 0.006 N 
22 1 "O4'" B DC 16 ? ? "C4'" B DC 16 ? ? 1.367 1.446 -0.079 0.010 N 
23 1 N1    B DT 18 ? ? C2    B DT 18 ? ? 1.426 1.376 0.050  0.008 N 
24 1 N1    B DG 20 ? ? C2    B DG 20 ? ? 1.308 1.373 -0.065 0.008 N 
25 1 C4    B DG 20 ? ? C5    B DG 20 ? ? 1.315 1.379 -0.064 0.007 N 
26 1 N7    B DG 20 ? ? C8    B DG 20 ? ? 1.269 1.305 -0.036 0.006 N 
27 1 C8    B DG 20 ? ? N9    B DG 20 ? ? 1.315 1.374 -0.059 0.007 N 
# 
loop_
_pdbx_validate_rmsd_angle.id 
_pdbx_validate_rmsd_angle.PDB_model_num 
_pdbx_validate_rmsd_angle.auth_atom_id_1 
_pdbx_validate_rmsd_angle.auth_asym_id_1 
_pdbx_validate_rmsd_angle.auth_comp_id_1 
_pdbx_validate_rmsd_angle.auth_seq_id_1 
_pdbx_validate_rmsd_angle.PDB_ins_code_1 
_pdbx_validate_rmsd_angle.label_alt_id_1 
_pdbx_validate_rmsd_angle.auth_atom_id_2 
_pdbx_validate_rmsd_angle.auth_asym_id_2 
_pdbx_validate_rmsd_angle.auth_comp_id_2 
_pdbx_validate_rmsd_angle.auth_seq_id_2 
_pdbx_validate_rmsd_angle.PDB_ins_code_2 
_pdbx_validate_rmsd_angle.label_alt_id_2 
_pdbx_validate_rmsd_angle.auth_atom_id_3 
_pdbx_validate_rmsd_angle.auth_asym_id_3 
_pdbx_validate_rmsd_angle.auth_comp_id_3 
_pdbx_validate_rmsd_angle.auth_seq_id_3 
_pdbx_validate_rmsd_angle.PDB_ins_code_3 
_pdbx_validate_rmsd_angle.label_alt_id_3 
_pdbx_validate_rmsd_angle.angle_value 
_pdbx_validate_rmsd_angle.angle_target_value 
_pdbx_validate_rmsd_angle.angle_deviation 
_pdbx_validate_rmsd_angle.angle_standard_deviation 
_pdbx_validate_rmsd_angle.linker_flag 
1  1 "C4'" A DC  1  ? ? "C3'" A DC  1  ? ? "C2'" A DC  1  ? ? 96.49  102.20 -5.71 0.70 N 
2  1 "O4'" A DC  1  ? ? "C1'" A DC  1  ? ? "C2'" A DC  1  ? ? 100.58 105.90 -5.32 0.80 N 
3  1 "O4'" A DC  1  ? ? "C1'" A DC  1  ? ? N1    A DC  1  ? ? 112.08 108.30 3.78  0.30 N 
4  1 C6    A DC  1  ? ? N1    A DC  1  ? ? C2    A DC  1  ? ? 123.46 120.30 3.16  0.40 N 
5  1 N1    A DC  1  ? ? C2    A DC  1  ? ? O2    A DC  1  ? ? 125.59 118.90 6.69  0.60 N 
6  1 N3    A DC  1  ? ? C2    A DC  1  ? ? O2    A DC  1  ? ? 116.60 121.90 -5.30 0.70 N 
7  1 "C3'" A DC  1  ? ? "O3'" A DC  1  ? ? P     A DC  2  ? ? 130.96 119.70 11.26 1.20 Y 
8  1 "O4'" A DC  2  ? ? "C1'" A DC  2  ? ? N1    A DC  2  ? ? 110.65 108.30 2.35  0.30 N 
9  1 C6    A DC  2  ? ? N1    A DC  2  ? ? C2    A DC  2  ? ? 122.78 120.30 2.48  0.40 N 
10 1 N3    A DC  2  ? ? C4    A DC  2  ? ? C5    A DC  2  ? ? 119.36 121.90 -2.54 0.40 N 
11 1 "C3'" A DC  2  ? ? "O3'" A DC  2  ? ? P     A DA  3  ? ? 128.24 119.70 8.54  1.20 Y 
12 1 C8    A DA  3  ? ? N9    A DA  3  ? ? C4    A DA  3  ? ? 102.20 105.80 -3.60 0.40 N 
13 1 N9    A DA  3  ? ? C4    A DA  3  ? ? C5    A DA  3  ? ? 109.36 105.80 3.56  0.40 N 
14 1 "C3'" A DA  3  ? ? "O3'" A DA  3  ? ? P     A DG  4  ? ? 129.56 119.70 9.86  1.20 Y 
15 1 "C1'" A DG  4  ? ? "O4'" A DG  4  ? ? "C4'" A DG  4  ? ? 103.39 110.10 -6.71 1.00 N 
16 1 C6    A DG  4  ? ? N1    A DG  4  ? ? C2    A DG  4  ? ? 121.25 125.10 -3.85 0.60 N 
17 1 C5    A DG  4  ? ? C6    A DG  4  ? ? N1    A DG  4  ? ? 115.36 111.50 3.86  0.50 N 
18 1 C8    A DG  4  ? ? N9    A DG  4  ? ? C4    A DG  4  ? ? 103.49 106.40 -2.91 0.40 N 
19 1 N3    A DG  4  ? ? C4    A DG  4  ? ? N9    A DG  4  ? ? 121.70 126.00 -4.30 0.60 N 
20 1 "C3'" A DG  4  ? ? "O3'" A DG  4  ? ? P     A DG  5  ? ? 132.24 119.70 12.54 1.20 Y 
21 1 "C1'" A DC  6  ? ? "O4'" A DC  6  ? ? "C4'" A DC  6  ? ? 103.72 110.10 -6.38 1.00 N 
22 1 "O4'" A DC  6  ? ? "C1'" A DC  6  ? ? N1    A DC  6  ? ? 110.29 108.30 1.99  0.30 N 
23 1 "C3'" A 5CM 7  ? ? "O3'" A 5CM 7  ? ? P     A DT  8  ? ? 128.51 119.70 8.81  1.20 Y 
24 1 C6    A DT  8  ? ? C5    A DT  8  ? ? C7    A DT  8  ? ? 117.73 122.90 -5.17 0.60 N 
25 1 "C5'" A DG  9  ? ? "C4'" A DG  9  ? ? "O4'" A DG  9  ? ? 118.53 109.80 8.73  1.10 N 
26 1 "O4'" A DG  9  ? ? "C1'" A DG  9  ? ? N9    A DG  9  ? ? 112.19 108.30 3.89  0.30 N 
27 1 N7    A DG  9  ? ? C8    A DG  9  ? ? N9    A DG  9  ? ? 117.44 113.10 4.34  0.50 N 
28 1 C8    A DG  9  ? ? N9    A DG  9  ? ? C4    A DG  9  ? ? 102.41 106.40 -3.99 0.40 N 
29 1 "C4'" A DG  10 ? ? "C3'" A DG  10 ? ? "C2'" A DG  10 ? ? 97.95  102.20 -4.25 0.70 N 
30 1 "O4'" A DG  10 ? ? "C1'" A DG  10 ? ? N9    A DG  10 ? ? 115.61 108.30 7.31  0.30 N 
31 1 C6    A DG  10 ? ? N1    A DG  10 ? ? C2    A DG  10 ? ? 118.27 125.10 -6.83 0.60 N 
32 1 C4    A DG  10 ? ? C5    A DG  10 ? ? C6    A DG  10 ? ? 114.85 118.80 -3.95 0.60 N 
33 1 C5    A DG  10 ? ? C6    A DG  10 ? ? N1    A DG  10 ? ? 118.38 111.50 6.88  0.50 N 
34 1 C4    A DG  10 ? ? C5    A DG  10 ? ? N7    A DG  10 ? ? 113.94 110.80 3.14  0.40 N 
35 1 N1    A DG  10 ? ? C6    A DG  10 ? ? O6    A DG  10 ? ? 115.31 119.90 -4.59 0.60 N 
36 1 N3    B DC  11 ? ? C4    B DC  11 ? ? C5    B DC  11 ? ? 119.50 121.90 -2.40 0.40 N 
37 1 N1    B DC  11 ? ? C2    B DC  11 ? ? O2    B DC  11 ? ? 124.71 118.90 5.81  0.60 N 
38 1 "O4'" B DC  12 ? ? "C1'" B DC  12 ? ? N1    B DC  12 ? ? 111.40 108.30 3.10  0.30 N 
39 1 N3    B DC  12 ? ? C4    B DC  12 ? ? C5    B DC  12 ? ? 119.22 121.90 -2.68 0.40 N 
40 1 N1    B DC  12 ? ? C2    B DC  12 ? ? O2    B DC  12 ? ? 126.04 118.90 7.14  0.60 N 
41 1 N3    B DC  12 ? ? C2    B DC  12 ? ? O2    B DC  12 ? ? 112.62 121.90 -9.28 0.70 N 
42 1 N1    B DA  13 ? ? C2    B DA  13 ? ? N3    B DA  13 ? ? 124.90 129.30 -4.40 0.50 N 
43 1 N9    B DA  13 ? ? C4    B DA  13 ? ? C5    B DA  13 ? ? 108.45 105.80 2.65  0.40 N 
44 1 "O4'" B DG  14 ? ? "C1'" B DG  14 ? ? "C2'" B DG  14 ? ? 99.87  105.90 -6.03 0.80 N 
45 1 "O4'" B DG  14 ? ? "C1'" B DG  14 ? ? N9    B DG  14 ? ? 110.50 108.30 2.20  0.30 N 
46 1 "C3'" B DG  14 ? ? "O3'" B DG  14 ? ? P     B DG  15 ? ? 127.18 119.70 7.48  1.20 Y 
47 1 "O4'" B DG  15 ? ? "C1'" B DG  15 ? ? N9    B DG  15 ? ? 111.76 108.30 3.46  0.30 N 
48 1 "O4'" B DC  16 ? ? "C4'" B DC  16 ? ? "C3'" B DC  16 ? ? 111.58 106.00 5.58  0.60 N 
49 1 "O4'" B DC  16 ? ? "C1'" B DC  16 ? ? N1    B DC  16 ? ? 112.54 108.30 4.24  0.30 N 
50 1 C5    B DC  16 ? ? C6    B DC  16 ? ? N1    B DC  16 ? ? 117.79 121.00 -3.21 0.50 N 
51 1 N1    B DC  16 ? ? C2    B DC  16 ? ? O2    B DC  16 ? ? 122.54 118.90 3.64  0.60 N 
52 1 N3    B DC  16 ? ? C2    B DC  16 ? ? O2    B DC  16 ? ? 116.98 121.90 -4.92 0.70 N 
53 1 "C3'" B DC  16 ? ? "O3'" B DC  16 ? ? P     B 5CM 17 ? ? 128.81 119.70 9.11  1.20 Y 
54 1 "O4'" B DT  18 ? ? "C1'" B DT  18 ? ? "C2'" B DT  18 ? ? 98.13  105.90 -7.77 0.80 N 
55 1 "O4'" B DT  18 ? ? "C1'" B DT  18 ? ? N1    B DT  18 ? ? 111.17 108.30 2.87  0.30 N 
56 1 C5    B DT  18 ? ? C6    B DT  18 ? ? N1    B DT  18 ? ? 119.99 123.70 -3.71 0.60 N 
57 1 C6    B DT  18 ? ? C5    B DT  18 ? ? C7    B DT  18 ? ? 116.57 122.90 -6.33 0.60 N 
58 1 "O4'" B DG  19 ? ? "C1'" B DG  19 ? ? N9    B DG  19 ? ? 110.69 108.30 2.39  0.30 N 
59 1 N9    B DG  19 ? ? C4    B DG  19 ? ? C5    B DG  19 ? ? 108.53 105.40 3.13  0.40 N 
60 1 N1    B DG  19 ? ? C6    B DG  19 ? ? O6    B DG  19 ? ? 116.10 119.90 -3.80 0.60 N 
61 1 "O4'" B DG  20 ? ? "C1'" B DG  20 ? ? N9    B DG  20 ? ? 115.26 108.30 6.96  0.30 N 
62 1 N1    B DG  20 ? ? C6    B DG  20 ? ? O6    B DG  20 ? ? 123.65 119.90 3.75  0.60 N 
63 1 C5    B DG  20 ? ? C6    B DG  20 ? ? O6    B DG  20 ? ? 124.85 128.60 -3.75 0.60 N 
# 
loop_
_pdbx_validate_planes.id 
_pdbx_validate_planes.PDB_model_num 
_pdbx_validate_planes.auth_comp_id 
_pdbx_validate_planes.auth_asym_id 
_pdbx_validate_planes.auth_seq_id 
_pdbx_validate_planes.PDB_ins_code 
_pdbx_validate_planes.label_alt_id 
_pdbx_validate_planes.rmsd 
_pdbx_validate_planes.type 
1  1 DC A 1  ? ? 0.136 'SIDE CHAIN' 
2  1 DC A 6  ? ? 0.085 'SIDE CHAIN' 
3  1 DG A 9  ? ? 0.080 'SIDE CHAIN' 
4  1 DG A 10 ? ? 0.116 'SIDE CHAIN' 
5  1 DC B 11 ? ? 0.102 'SIDE CHAIN' 
6  1 DA B 13 ? ? 0.065 'SIDE CHAIN' 
7  1 DG B 14 ? ? 0.076 'SIDE CHAIN' 
8  1 DG B 15 ? ? 0.068 'SIDE CHAIN' 
9  1 DC B 16 ? ? 0.085 'SIDE CHAIN' 
10 1 DT B 18 ? ? 0.068 'SIDE CHAIN' 
11 1 DG B 19 ? ? 0.090 'SIDE CHAIN' 
# 
loop_
_pdbx_struct_mod_residue.id 
_pdbx_struct_mod_residue.label_asym_id 
_pdbx_struct_mod_residue.label_comp_id 
_pdbx_struct_mod_residue.label_seq_id 
_pdbx_struct_mod_residue.auth_asym_id 
_pdbx_struct_mod_residue.auth_comp_id 
_pdbx_struct_mod_residue.auth_seq_id 
_pdbx_struct_mod_residue.PDB_ins_code 
_pdbx_struct_mod_residue.parent_comp_id 
_pdbx_struct_mod_residue.details 
1 A 5CM 7 A 5CM 7  ? DC ? 
2 B 5CM 7 B 5CM 17 ? DC ? 
# 
loop_
_pdbx_struct_special_symmetry.id 
_pdbx_struct_special_symmetry.PDB_model_num 
_pdbx_struct_special_symmetry.auth_asym_id 
_pdbx_struct_special_symmetry.auth_comp_id 
_pdbx_struct_special_symmetry.auth_seq_id 
_pdbx_struct_special_symmetry.PDB_ins_code 
_pdbx_struct_special_symmetry.label_asym_id 
_pdbx_struct_special_symmetry.label_comp_id 
_pdbx_struct_special_symmetry.label_seq_id 
1 1 B HOH 98  ? D HOH . 
2 1 B HOH 99  ? D HOH . 
3 1 B HOH 100 ? D HOH . 
# 
loop_
_chem_comp_atom.comp_id 
_chem_comp_atom.atom_id 
_chem_comp_atom.type_symbol 
_chem_comp_atom.pdbx_aromatic_flag 
_chem_comp_atom.pdbx_stereo_config 
_chem_comp_atom.pdbx_ordinal 
5CM N1     N N N 1   
5CM C2     C N N 2   
5CM N3     N N N 3   
5CM C4     C N N 4   
5CM C5     C N N 5   
5CM C5A    C N N 6   
5CM C6     C N N 7   
5CM O2     O N N 8   
5CM N4     N N N 9   
5CM "C1'"  C N R 10  
5CM "C2'"  C N N 11  
5CM "C3'"  C N S 12  
5CM "C4'"  C N R 13  
5CM "O4'"  O N N 14  
5CM "O3'"  O N N 15  
5CM "C5'"  C N N 16  
5CM "O5'"  O N N 17  
5CM P      P N N 18  
5CM OP1    O N N 19  
5CM OP2    O N N 20  
5CM OP3    O N N 21  
5CM H5A1   H N N 22  
5CM H5A2   H N N 23  
5CM H5A3   H N N 24  
5CM H6     H N N 25  
5CM HN41   H N N 26  
5CM HN42   H N N 27  
5CM "H1'"  H N N 28  
5CM "H2'"  H N N 29  
5CM "H2''" H N N 30  
5CM "H3'"  H N N 31  
5CM "H4'"  H N N 32  
5CM "HO3'" H N N 33  
5CM "H5'"  H N N 34  
5CM "H5''" H N N 35  
5CM HOP2   H N N 36  
5CM HOP3   H N N 37  
DA  OP3    O N N 38  
DA  P      P N N 39  
DA  OP1    O N N 40  
DA  OP2    O N N 41  
DA  "O5'"  O N N 42  
DA  "C5'"  C N N 43  
DA  "C4'"  C N R 44  
DA  "O4'"  O N N 45  
DA  "C3'"  C N S 46  
DA  "O3'"  O N N 47  
DA  "C2'"  C N N 48  
DA  "C1'"  C N R 49  
DA  N9     N Y N 50  
DA  C8     C Y N 51  
DA  N7     N Y N 52  
DA  C5     C Y N 53  
DA  C6     C Y N 54  
DA  N6     N N N 55  
DA  N1     N Y N 56  
DA  C2     C Y N 57  
DA  N3     N Y N 58  
DA  C4     C Y N 59  
DA  HOP3   H N N 60  
DA  HOP2   H N N 61  
DA  "H5'"  H N N 62  
DA  "H5''" H N N 63  
DA  "H4'"  H N N 64  
DA  "H3'"  H N N 65  
DA  "HO3'" H N N 66  
DA  "H2'"  H N N 67  
DA  "H2''" H N N 68  
DA  "H1'"  H N N 69  
DA  H8     H N N 70  
DA  H61    H N N 71  
DA  H62    H N N 72  
DA  H2     H N N 73  
DC  OP3    O N N 74  
DC  P      P N N 75  
DC  OP1    O N N 76  
DC  OP2    O N N 77  
DC  "O5'"  O N N 78  
DC  "C5'"  C N N 79  
DC  "C4'"  C N R 80  
DC  "O4'"  O N N 81  
DC  "C3'"  C N S 82  
DC  "O3'"  O N N 83  
DC  "C2'"  C N N 84  
DC  "C1'"  C N R 85  
DC  N1     N N N 86  
DC  C2     C N N 87  
DC  O2     O N N 88  
DC  N3     N N N 89  
DC  C4     C N N 90  
DC  N4     N N N 91  
DC  C5     C N N 92  
DC  C6     C N N 93  
DC  HOP3   H N N 94  
DC  HOP2   H N N 95  
DC  "H5'"  H N N 96  
DC  "H5''" H N N 97  
DC  "H4'"  H N N 98  
DC  "H3'"  H N N 99  
DC  "HO3'" H N N 100 
DC  "H2'"  H N N 101 
DC  "H2''" H N N 102 
DC  "H1'"  H N N 103 
DC  H41    H N N 104 
DC  H42    H N N 105 
DC  H5     H N N 106 
DC  H6     H N N 107 
DG  OP3    O N N 108 
DG  P      P N N 109 
DG  OP1    O N N 110 
DG  OP2    O N N 111 
DG  "O5'"  O N N 112 
DG  "C5'"  C N N 113 
DG  "C4'"  C N R 114 
DG  "O4'"  O N N 115 
DG  "C3'"  C N S 116 
DG  "O3'"  O N N 117 
DG  "C2'"  C N N 118 
DG  "C1'"  C N R 119 
DG  N9     N Y N 120 
DG  C8     C Y N 121 
DG  N7     N Y N 122 
DG  C5     C Y N 123 
DG  C6     C N N 124 
DG  O6     O N N 125 
DG  N1     N N N 126 
DG  C2     C N N 127 
DG  N2     N N N 128 
DG  N3     N N N 129 
DG  C4     C Y N 130 
DG  HOP3   H N N 131 
DG  HOP2   H N N 132 
DG  "H5'"  H N N 133 
DG  "H5''" H N N 134 
DG  "H4'"  H N N 135 
DG  "H3'"  H N N 136 
DG  "HO3'" H N N 137 
DG  "H2'"  H N N 138 
DG  "H2''" H N N 139 
DG  "H1'"  H N N 140 
DG  H8     H N N 141 
DG  H1     H N N 142 
DG  H21    H N N 143 
DG  H22    H N N 144 
DT  OP3    O N N 145 
DT  P      P N N 146 
DT  OP1    O N N 147 
DT  OP2    O N N 148 
DT  "O5'"  O N N 149 
DT  "C5'"  C N N 150 
DT  "C4'"  C N R 151 
DT  "O4'"  O N N 152 
DT  "C3'"  C N S 153 
DT  "O3'"  O N N 154 
DT  "C2'"  C N N 155 
DT  "C1'"  C N R 156 
DT  N1     N N N 157 
DT  C2     C N N 158 
DT  O2     O N N 159 
DT  N3     N N N 160 
DT  C4     C N N 161 
DT  O4     O N N 162 
DT  C5     C N N 163 
DT  C7     C N N 164 
DT  C6     C N N 165 
DT  HOP3   H N N 166 
DT  HOP2   H N N 167 
DT  "H5'"  H N N 168 
DT  "H5''" H N N 169 
DT  "H4'"  H N N 170 
DT  "H3'"  H N N 171 
DT  "HO3'" H N N 172 
DT  "H2'"  H N N 173 
DT  "H2''" H N N 174 
DT  "H1'"  H N N 175 
DT  H3     H N N 176 
DT  H71    H N N 177 
DT  H72    H N N 178 
DT  H73    H N N 179 
DT  H6     H N N 180 
HOH O      O N N 181 
HOH H1     H N N 182 
HOH H2     H N N 183 
# 
loop_
_chem_comp_bond.comp_id 
_chem_comp_bond.atom_id_1 
_chem_comp_bond.atom_id_2 
_chem_comp_bond.value_order 
_chem_comp_bond.pdbx_aromatic_flag 
_chem_comp_bond.pdbx_stereo_config 
_chem_comp_bond.pdbx_ordinal 
5CM N1    C2     sing N N 1   
5CM N1    C6     sing N N 2   
5CM N1    "C1'"  sing N N 3   
5CM C2    N3     sing N N 4   
5CM C2    O2     doub N N 5   
5CM N3    C4     doub N N 6   
5CM C4    C5     sing N N 7   
5CM C4    N4     sing N N 8   
5CM C5    C5A    sing N N 9   
5CM C5    C6     doub N N 10  
5CM C5A   H5A1   sing N N 11  
5CM C5A   H5A2   sing N N 12  
5CM C5A   H5A3   sing N N 13  
5CM C6    H6     sing N N 14  
5CM N4    HN41   sing N N 15  
5CM N4    HN42   sing N N 16  
5CM "C1'" "C2'"  sing N N 17  
5CM "C1'" "O4'"  sing N N 18  
5CM "C1'" "H1'"  sing N N 19  
5CM "C2'" "C3'"  sing N N 20  
5CM "C2'" "H2'"  sing N N 21  
5CM "C2'" "H2''" sing N N 22  
5CM "C3'" "C4'"  sing N N 23  
5CM "C3'" "O3'"  sing N N 24  
5CM "C3'" "H3'"  sing N N 25  
5CM "C4'" "O4'"  sing N N 26  
5CM "C4'" "C5'"  sing N N 27  
5CM "C4'" "H4'"  sing N N 28  
5CM "O3'" "HO3'" sing N N 29  
5CM "C5'" "O5'"  sing N N 30  
5CM "C5'" "H5'"  sing N N 31  
5CM "C5'" "H5''" sing N N 32  
5CM "O5'" P      sing N N 33  
5CM P     OP1    doub N N 34  
5CM P     OP2    sing N N 35  
5CM P     OP3    sing N N 36  
5CM OP2   HOP2   sing N N 37  
5CM OP3   HOP3   sing N N 38  
DA  OP3   P      sing N N 39  
DA  OP3   HOP3   sing N N 40  
DA  P     OP1    doub N N 41  
DA  P     OP2    sing N N 42  
DA  P     "O5'"  sing N N 43  
DA  OP2   HOP2   sing N N 44  
DA  "O5'" "C5'"  sing N N 45  
DA  "C5'" "C4'"  sing N N 46  
DA  "C5'" "H5'"  sing N N 47  
DA  "C5'" "H5''" sing N N 48  
DA  "C4'" "O4'"  sing N N 49  
DA  "C4'" "C3'"  sing N N 50  
DA  "C4'" "H4'"  sing N N 51  
DA  "O4'" "C1'"  sing N N 52  
DA  "C3'" "O3'"  sing N N 53  
DA  "C3'" "C2'"  sing N N 54  
DA  "C3'" "H3'"  sing N N 55  
DA  "O3'" "HO3'" sing N N 56  
DA  "C2'" "C1'"  sing N N 57  
DA  "C2'" "H2'"  sing N N 58  
DA  "C2'" "H2''" sing N N 59  
DA  "C1'" N9     sing N N 60  
DA  "C1'" "H1'"  sing N N 61  
DA  N9    C8     sing Y N 62  
DA  N9    C4     sing Y N 63  
DA  C8    N7     doub Y N 64  
DA  C8    H8     sing N N 65  
DA  N7    C5     sing Y N 66  
DA  C5    C6     sing Y N 67  
DA  C5    C4     doub Y N 68  
DA  C6    N6     sing N N 69  
DA  C6    N1     doub Y N 70  
DA  N6    H61    sing N N 71  
DA  N6    H62    sing N N 72  
DA  N1    C2     sing Y N 73  
DA  C2    N3     doub Y N 74  
DA  C2    H2     sing N N 75  
DA  N3    C4     sing Y N 76  
DC  OP3   P      sing N N 77  
DC  OP3   HOP3   sing N N 78  
DC  P     OP1    doub N N 79  
DC  P     OP2    sing N N 80  
DC  P     "O5'"  sing N N 81  
DC  OP2   HOP2   sing N N 82  
DC  "O5'" "C5'"  sing N N 83  
DC  "C5'" "C4'"  sing N N 84  
DC  "C5'" "H5'"  sing N N 85  
DC  "C5'" "H5''" sing N N 86  
DC  "C4'" "O4'"  sing N N 87  
DC  "C4'" "C3'"  sing N N 88  
DC  "C4'" "H4'"  sing N N 89  
DC  "O4'" "C1'"  sing N N 90  
DC  "C3'" "O3'"  sing N N 91  
DC  "C3'" "C2'"  sing N N 92  
DC  "C3'" "H3'"  sing N N 93  
DC  "O3'" "HO3'" sing N N 94  
DC  "C2'" "C1'"  sing N N 95  
DC  "C2'" "H2'"  sing N N 96  
DC  "C2'" "H2''" sing N N 97  
DC  "C1'" N1     sing N N 98  
DC  "C1'" "H1'"  sing N N 99  
DC  N1    C2     sing N N 100 
DC  N1    C6     sing N N 101 
DC  C2    O2     doub N N 102 
DC  C2    N3     sing N N 103 
DC  N3    C4     doub N N 104 
DC  C4    N4     sing N N 105 
DC  C4    C5     sing N N 106 
DC  N4    H41    sing N N 107 
DC  N4    H42    sing N N 108 
DC  C5    C6     doub N N 109 
DC  C5    H5     sing N N 110 
DC  C6    H6     sing N N 111 
DG  OP3   P      sing N N 112 
DG  OP3   HOP3   sing N N 113 
DG  P     OP1    doub N N 114 
DG  P     OP2    sing N N 115 
DG  P     "O5'"  sing N N 116 
DG  OP2   HOP2   sing N N 117 
DG  "O5'" "C5'"  sing N N 118 
DG  "C5'" "C4'"  sing N N 119 
DG  "C5'" "H5'"  sing N N 120 
DG  "C5'" "H5''" sing N N 121 
DG  "C4'" "O4'"  sing N N 122 
DG  "C4'" "C3'"  sing N N 123 
DG  "C4'" "H4'"  sing N N 124 
DG  "O4'" "C1'"  sing N N 125 
DG  "C3'" "O3'"  sing N N 126 
DG  "C3'" "C2'"  sing N N 127 
DG  "C3'" "H3'"  sing N N 128 
DG  "O3'" "HO3'" sing N N 129 
DG  "C2'" "C1'"  sing N N 130 
DG  "C2'" "H2'"  sing N N 131 
DG  "C2'" "H2''" sing N N 132 
DG  "C1'" N9     sing N N 133 
DG  "C1'" "H1'"  sing N N 134 
DG  N9    C8     sing Y N 135 
DG  N9    C4     sing Y N 136 
DG  C8    N7     doub Y N 137 
DG  C8    H8     sing N N 138 
DG  N7    C5     sing Y N 139 
DG  C5    C6     sing N N 140 
DG  C5    C4     doub Y N 141 
DG  C6    O6     doub N N 142 
DG  C6    N1     sing N N 143 
DG  N1    C2     sing N N 144 
DG  N1    H1     sing N N 145 
DG  C2    N2     sing N N 146 
DG  C2    N3     doub N N 147 
DG  N2    H21    sing N N 148 
DG  N2    H22    sing N N 149 
DG  N3    C4     sing N N 150 
DT  OP3   P      sing N N 151 
DT  OP3   HOP3   sing N N 152 
DT  P     OP1    doub N N 153 
DT  P     OP2    sing N N 154 
DT  P     "O5'"  sing N N 155 
DT  OP2   HOP2   sing N N 156 
DT  "O5'" "C5'"  sing N N 157 
DT  "C5'" "C4'"  sing N N 158 
DT  "C5'" "H5'"  sing N N 159 
DT  "C5'" "H5''" sing N N 160 
DT  "C4'" "O4'"  sing N N 161 
DT  "C4'" "C3'"  sing N N 162 
DT  "C4'" "H4'"  sing N N 163 
DT  "O4'" "C1'"  sing N N 164 
DT  "C3'" "O3'"  sing N N 165 
DT  "C3'" "C2'"  sing N N 166 
DT  "C3'" "H3'"  sing N N 167 
DT  "O3'" "HO3'" sing N N 168 
DT  "C2'" "C1'"  sing N N 169 
DT  "C2'" "H2'"  sing N N 170 
DT  "C2'" "H2''" sing N N 171 
DT  "C1'" N1     sing N N 172 
DT  "C1'" "H1'"  sing N N 173 
DT  N1    C2     sing N N 174 
DT  N1    C6     sing N N 175 
DT  C2    O2     doub N N 176 
DT  C2    N3     sing N N 177 
DT  N3    C4     sing N N 178 
DT  N3    H3     sing N N 179 
DT  C4    O4     doub N N 180 
DT  C4    C5     sing N N 181 
DT  C5    C7     sing N N 182 
DT  C5    C6     doub N N 183 
DT  C7    H71    sing N N 184 
DT  C7    H72    sing N N 185 
DT  C7    H73    sing N N 186 
DT  C6    H6     sing N N 187 
HOH O     H1     sing N N 188 
HOH O     H2     sing N N 189 
# 
_ndb_struct_conf_na.entry_id   123D 
_ndb_struct_conf_na.feature    'b-form double helix' 
# 
loop_
_ndb_struct_na_base_pair.model_number 
_ndb_struct_na_base_pair.i_label_asym_id 
_ndb_struct_na_base_pair.i_label_comp_id 
_ndb_struct_na_base_pair.i_label_seq_id 
_ndb_struct_na_base_pair.i_symmetry 
_ndb_struct_na_base_pair.j_label_asym_id 
_ndb_struct_na_base_pair.j_label_comp_id 
_ndb_struct_na_base_pair.j_label_seq_id 
_ndb_struct_na_base_pair.j_symmetry 
_ndb_struct_na_base_pair.shear 
_ndb_struct_na_base_pair.stretch 
_ndb_struct_na_base_pair.stagger 
_ndb_struct_na_base_pair.buckle 
_ndb_struct_na_base_pair.propeller 
_ndb_struct_na_base_pair.opening 
_ndb_struct_na_base_pair.pair_number 
_ndb_struct_na_base_pair.pair_name 
_ndb_struct_na_base_pair.i_auth_asym_id 
_ndb_struct_na_base_pair.i_auth_seq_id 
_ndb_struct_na_base_pair.i_PDB_ins_code 
_ndb_struct_na_base_pair.j_auth_asym_id 
_ndb_struct_na_base_pair.j_auth_seq_id 
_ndb_struct_na_base_pair.j_PDB_ins_code 
_ndb_struct_na_base_pair.hbond_type_28 
_ndb_struct_na_base_pair.hbond_type_12 
1 A DC  1  1_555 B DG  10 1_555 0.087  -0.417 0.006  -6.062  -14.759 -6.354 1  A_DC1:DG20_B  A 1  ? B 20 ? 19 1 
1 A DC  2  1_555 B DG  9  1_555 0.071  -0.405 -0.237 0.704   -5.136  -0.882 2  A_DC2:DG19_B  A 2  ? B 19 ? 19 1 
1 A DA  3  1_555 B DT  8  1_555 -0.054 -0.279 0.205  4.321   -7.058  -1.953 3  A_DA3:DT18_B  A 3  ? B 18 ? 20 1 
1 A DG  4  1_555 B 5CM 7  1_555 0.078  -0.067 0.135  10.097  -4.648  -1.117 4  A_DG4:5CM17_B A 4  ? B 17 ? 19 1 
1 A DG  5  1_555 B DC  6  1_555 -0.048 -0.061 0.239  8.569   -10.694 1.320  5  A_DG5:DC16_B  A 5  ? B 16 ? 19 1 
1 A DC  6  1_555 B DG  5  1_555 0.275  -0.213 0.217  -7.232  -17.384 -3.374 6  A_DC6:DG15_B  A 6  ? B 15 ? 19 1 
1 A 5CM 7  1_555 B DG  4  1_555 0.088  -0.220 0.184  -12.656 -8.627  0.083  7  A_5CM7:DG14_B A 7  ? B 14 ? 19 1 
1 A DT  8  1_555 B DA  3  1_555 -0.037 -0.209 -0.127 2.315   -5.551  2.806  8  A_DT8:DA13_B  A 8  ? B 13 ? 20 1 
1 A DG  9  1_555 B DC  2  1_555 0.046  -0.272 -0.095 1.638   -10.398 -5.121 9  A_DG9:DC12_B  A 9  ? B 12 ? 19 1 
1 A DG  10 1_555 B DC  1  1_555 -0.335 -0.407 0.172  -0.638  -20.691 -1.028 10 A_DG10:DC11_B A 10 ? B 11 ? 19 1 
# 
loop_
_ndb_struct_na_base_pair_step.model_number 
_ndb_struct_na_base_pair_step.i_label_asym_id_1 
_ndb_struct_na_base_pair_step.i_label_comp_id_1 
_ndb_struct_na_base_pair_step.i_label_seq_id_1 
_ndb_struct_na_base_pair_step.i_symmetry_1 
_ndb_struct_na_base_pair_step.j_label_asym_id_1 
_ndb_struct_na_base_pair_step.j_label_comp_id_1 
_ndb_struct_na_base_pair_step.j_label_seq_id_1 
_ndb_struct_na_base_pair_step.j_symmetry_1 
_ndb_struct_na_base_pair_step.i_label_asym_id_2 
_ndb_struct_na_base_pair_step.i_label_comp_id_2 
_ndb_struct_na_base_pair_step.i_label_seq_id_2 
_ndb_struct_na_base_pair_step.i_symmetry_2 
_ndb_struct_na_base_pair_step.j_label_asym_id_2 
_ndb_struct_na_base_pair_step.j_label_comp_id_2 
_ndb_struct_na_base_pair_step.j_label_seq_id_2 
_ndb_struct_na_base_pair_step.j_symmetry_2 
_ndb_struct_na_base_pair_step.shift 
_ndb_struct_na_base_pair_step.slide 
_ndb_struct_na_base_pair_step.rise 
_ndb_struct_na_base_pair_step.tilt 
_ndb_struct_na_base_pair_step.roll 
_ndb_struct_na_base_pair_step.twist 
_ndb_struct_na_base_pair_step.x_displacement 
_ndb_struct_na_base_pair_step.y_displacement 
_ndb_struct_na_base_pair_step.helical_rise 
_ndb_struct_na_base_pair_step.inclination 
_ndb_struct_na_base_pair_step.tip 
_ndb_struct_na_base_pair_step.helical_twist 
_ndb_struct_na_base_pair_step.step_number 
_ndb_struct_na_base_pair_step.step_name 
_ndb_struct_na_base_pair_step.i_auth_asym_id_1 
_ndb_struct_na_base_pair_step.i_auth_seq_id_1 
_ndb_struct_na_base_pair_step.i_PDB_ins_code_1 
_ndb_struct_na_base_pair_step.j_auth_asym_id_1 
_ndb_struct_na_base_pair_step.j_auth_seq_id_1 
_ndb_struct_na_base_pair_step.j_PDB_ins_code_1 
_ndb_struct_na_base_pair_step.i_auth_asym_id_2 
_ndb_struct_na_base_pair_step.i_auth_seq_id_2 
_ndb_struct_na_base_pair_step.i_PDB_ins_code_2 
_ndb_struct_na_base_pair_step.j_auth_asym_id_2 
_ndb_struct_na_base_pair_step.j_auth_seq_id_2 
_ndb_struct_na_base_pair_step.j_PDB_ins_code_2 
1 A DC  1 1_555 B DG  10 1_555 A DC  2  1_555 B DG  9 1_555 0.105  0.579  3.353 4.449  4.014  30.729 0.285  0.679  3.381 7.485  
-8.297 31.293 1 AA_DC1DC2:DG19DG20_BB  A 1 ? B 20 ? A 2  ? B 19 ? 
1 A DC  2 1_555 B DG  9  1_555 A DA  3  1_555 B DT  8 1_555 -0.091 1.970  3.253 -3.129 4.209  43.934 2.214  -0.178 3.417 5.602  
4.165  44.231 2 AA_DC2DA3:DT18DG19_BB  A 2 ? B 19 ? A 3  ? B 18 ? 
1 A DA  3 1_555 B DT  8  1_555 A DG  4  1_555 B 5CM 7 1_555 0.361  0.708  3.298 1.580  1.773  26.720 1.060  -0.362 3.352 3.827  
-3.409 26.824 3 AA_DA3DG4:5CM17DT18_BB A 3 ? B 18 ? A 4  ? B 17 ? 
1 A DG  4 1_555 B 5CM 7  1_555 A DG  5  1_555 B DC  6 1_555 0.237  -0.140 3.407 -2.180 3.584  36.465 -0.731 -0.686 3.359 5.704  
3.470  36.697 4 AA_DG4DG5:DC165CM17_BB A 4 ? B 17 ? A 5  ? B 16 ? 
1 A DG  5 1_555 B DC  6  1_555 A DC  6  1_555 B DG  5 1_555 -0.191 -1.014 3.642 0.603  3.780  39.356 -1.987 0.361  3.530 5.597  
-0.892 39.535 5 AA_DG5DC6:DG15DC16_BB  A 5 ? B 16 ? A 6  ? B 15 ? 
1 A DC  6 1_555 B DG  5  1_555 A 5CM 7  1_555 B DG  4 1_555 0.059  -0.139 3.499 0.911  0.443  36.546 -0.286 0.039  3.497 0.706  
-1.452 36.560 6 AA_DC65CM7:DG14DG15_BB A 6 ? B 15 ? A 7  ? B 14 ? 
1 A 5CM 7 1_555 B DG  4  1_555 A DT  8  1_555 B DA  3 1_555 -0.254 0.671  3.036 3.468  7.767  26.603 -0.374 1.315  3.049 16.356 
-7.303 27.907 7 AA_5CM7DT8:DA13DG14_BB A 7 ? B 14 ? A 8  ? B 13 ? 
1 A DT  8 1_555 B DA  3  1_555 A DG  9  1_555 B DC  2 1_555 -0.275 2.229  3.365 -0.718 -0.647 46.469 2.881  0.287  3.339 -0.820 
0.910  46.479 8 AA_DT8DG9:DC12DA13_BB  A 8 ? B 13 ? A 9  ? B 12 ? 
1 A DG  9 1_555 B DC  2  1_555 A DG  10 1_555 B DC  1 1_555 0.343  0.175  3.475 -5.261 8.401  29.663 -1.368 -1.697 3.293 15.861 
9.932  31.240 9 AA_DG9DG10:DC11DC12_BB A 9 ? B 12 ? A 10 ? B 11 ? 
# 
_atom_sites.entry_id                    123D 
_atom_sites.fract_transf_matrix[1][1]   -0.01419688 
_atom_sites.fract_transf_matrix[1][2]   0.00384458 
_atom_sites.fract_transf_matrix[1][3]   0.01564726 
_atom_sites.fract_transf_matrix[2][1]   -0.02066054 
_atom_sites.fract_transf_matrix[2][2]   0.00332134 
_atom_sites.fract_transf_matrix[2][3]   -0.00482559 
_atom_sites.fract_transf_matrix[3][1]   -0.00514042 
_atom_sites.fract_transf_matrix[3][2]   -0.02855782 
_atom_sites.fract_transf_matrix[3][3]   0.00235280 
_atom_sites.fract_transf_vector[1]      0.380379 
_atom_sites.fract_transf_vector[2]      0.118312 
_atom_sites.fract_transf_vector[3]      0.097165 
# 
loop_
_atom_type.symbol 
C 
N 
O 
P 
# 
loop_
_atom_site.group_PDB 
_atom_site.id 
_atom_site.type_symbol 
_atom_site.label_atom_id 
_atom_site.label_alt_id 
_atom_site.label_comp_id 
_atom_site.label_asym_id 
_atom_site.label_entity_id 
_atom_site.label_seq_id 
_atom_site.pdbx_PDB_ins_code 
_atom_site.Cartn_x 
_atom_site.Cartn_y 
_atom_site.Cartn_z 
_atom_site.occupancy 
_atom_site.B_iso_or_equiv 
_atom_site.pdbx_formal_charge 
_atom_site.auth_seq_id 
_atom_site.auth_comp_id 
_atom_site.auth_asym_id 
_atom_site.auth_atom_id 
_atom_site.pdbx_PDB_model_num 
ATOM   1   O "O5'" . DC  A 1 1  ? 2.439   -19.552 -0.420  1.00 61.23 ? 1   DC  A "O5'" 1 
ATOM   2   C "C5'" . DC  A 1 1  ? 3.250   -18.532 0.129   1.00 56.47 ? 1   DC  A "C5'" 1 
ATOM   3   C "C4'" . DC  A 1 1  ? 3.207   -17.185 -0.625  1.00 49.57 ? 1   DC  A "C4'" 1 
ATOM   4   O "O4'" . DC  A 1 1  ? 1.952   -16.520 -0.392  1.00 43.64 ? 1   DC  A "O4'" 1 
ATOM   5   C "C3'" . DC  A 1 1  ? 4.241   -16.146 -0.197  1.00 47.25 ? 1   DC  A "C3'" 1 
ATOM   6   O "O3'" . DC  A 1 1  ? 4.347   -15.052 -1.138  1.00 51.56 ? 1   DC  A "O3'" 1 
ATOM   7   C "C2'" . DC  A 1 1  ? 3.495   -15.664 1.052   1.00 40.45 ? 1   DC  A "C2'" 1 
ATOM   8   C "C1'" . DC  A 1 1  ? 2.056   -15.448 0.525   1.00 34.51 ? 1   DC  A "C1'" 1 
ATOM   9   N N1    . DC  A 1 1  ? 0.955   -15.449 1.506   1.00 25.34 ? 1   DC  A N1    1 
ATOM   10  C C2    . DC  A 1 1  ? -0.323  -15.364 1.029   1.00 20.47 ? 1   DC  A C2    1 
ATOM   11  O O2    . DC  A 1 1  ? -0.656  -15.504 -0.133  1.00 18.10 ? 1   DC  A O2    1 
ATOM   12  N N3    . DC  A 1 1  ? -1.321  -15.145 1.925   1.00 20.18 ? 1   DC  A N3    1 
ATOM   13  C C4    . DC  A 1 1  ? -1.007  -14.752 3.135   1.00 19.77 ? 1   DC  A C4    1 
ATOM   14  N N4    . DC  A 1 1  ? -1.961  -14.206 3.860   1.00 17.82 ? 1   DC  A N4    1 
ATOM   15  C C5    . DC  A 1 1  ? 0.323   -14.774 3.643   1.00 22.37 ? 1   DC  A C5    1 
ATOM   16  C C6    . DC  A 1 1  ? 1.283   -15.195 2.764   1.00 19.83 ? 1   DC  A C6    1 
ATOM   17  P P     . DC  A 1 2  ? 4.719   -15.040 -2.721  1.00 52.97 ? 2   DC  A P     1 
ATOM   18  O OP1   . DC  A 1 2  ? 5.607   -16.200 -2.971  1.00 53.46 ? 2   DC  A OP1   1 
ATOM   19  O OP2   . DC  A 1 2  ? 5.243   -13.649 -2.970  1.00 52.03 ? 2   DC  A OP2   1 
ATOM   20  O "O5'" . DC  A 1 2  ? 3.341   -15.248 -3.599  1.00 49.36 ? 2   DC  A "O5'" 1 
ATOM   21  C "C5'" . DC  A 1 2  ? 2.148   -14.620 -3.238  1.00 42.50 ? 2   DC  A "C5'" 1 
ATOM   22  C "C4'" . DC  A 1 2  ? 1.614   -13.511 -4.124  1.00 33.81 ? 2   DC  A "C4'" 1 
ATOM   23  O "O4'" . DC  A 1 2  ? 0.560   -12.944 -3.366  1.00 31.20 ? 2   DC  A "O4'" 1 
ATOM   24  C "C3'" . DC  A 1 2  ? 2.466   -12.327 -4.472  1.00 30.41 ? 2   DC  A "C3'" 1 
ATOM   25  O "O3'" . DC  A 1 2  ? 1.748   -11.503 -5.390  1.00 32.56 ? 2   DC  A "O3'" 1 
ATOM   26  C "C2'" . DC  A 1 2  ? 2.469   -11.625 -3.172  1.00 27.35 ? 2   DC  A "C2'" 1 
ATOM   27  C "C1'" . DC  A 1 2  ? 0.996   -11.745 -2.753  1.00 23.63 ? 2   DC  A "C1'" 1 
ATOM   28  N N1    . DC  A 1 2  ? 0.664   -11.744 -1.329  1.00 19.88 ? 2   DC  A N1    1 
ATOM   29  C C2    . DC  A 1 2  ? -0.666  -11.723 -1.007  1.00 17.84 ? 2   DC  A C2    1 
ATOM   30  O O2    . DC  A 1 2  ? -1.524  -11.674 -1.862  1.00 23.66 ? 2   DC  A O2    1 
ATOM   31  N N3    . DC  A 1 2  ? -0.981  -11.694 0.362   1.00 16.88 ? 2   DC  A N3    1 
ATOM   32  C C4    . DC  A 1 2  ? -0.053  -11.504 1.285   1.00 12.36 ? 2   DC  A C4    1 
ATOM   33  N N4    . DC  A 1 2  ? -0.384  -11.410 2.559   1.00 15.88 ? 2   DC  A N4    1 
ATOM   34  C C5    . DC  A 1 2  ? 1.300   -11.464 0.905   1.00 12.37 ? 2   DC  A C5    1 
ATOM   35  C C6    . DC  A 1 2  ? 1.631   -11.632 -0.416  1.00 15.62 ? 2   DC  A C6    1 
ATOM   36  P P     . DA  A 1 3  ? 2.170   -11.073 -6.902  1.00 31.07 ? 3   DA  A P     1 
ATOM   37  O OP1   . DA  A 1 3  ? 2.317   -12.290 -7.747  1.00 31.87 ? 3   DA  A OP1   1 
ATOM   38  O OP2   . DA  A 1 3  ? 3.218   -10.002 -6.918  1.00 32.42 ? 3   DA  A OP2   1 
ATOM   39  O "O5'" . DA  A 1 3  ? 0.827   -10.392 -7.521  1.00 32.37 ? 3   DA  A "O5'" 1 
ATOM   40  C "C5'" . DA  A 1 3  ? -0.350  -11.146 -7.765  1.00 29.23 ? 3   DA  A "C5'" 1 
ATOM   41  C "C4'" . DA  A 1 3  ? -1.624  -10.302 -7.531  1.00 26.41 ? 3   DA  A "C4'" 1 
ATOM   42  O "O4'" . DA  A 1 3  ? -1.885  -9.969  -6.187  1.00 23.81 ? 3   DA  A "O4'" 1 
ATOM   43  C "C3'" . DA  A 1 3  ? -1.567  -8.977  -8.315  1.00 23.25 ? 3   DA  A "C3'" 1 
ATOM   44  O "O3'" . DA  A 1 3  ? -2.872  -8.819  -8.835  1.00 23.28 ? 3   DA  A "O3'" 1 
ATOM   45  C "C2'" . DA  A 1 3  ? -1.140  -8.016  -7.205  1.00 20.10 ? 3   DA  A "C2'" 1 
ATOM   46  C "C1'" . DA  A 1 3  ? -1.771  -8.567  -5.918  1.00 19.36 ? 3   DA  A "C1'" 1 
ATOM   47  N N9    . DA  A 1 3  ? -0.916  -8.373  -4.678  1.00 14.16 ? 3   DA  A N9    1 
ATOM   48  C C8    . DA  A 1 3  ? 0.437   -8.389  -4.469  1.00 17.00 ? 3   DA  A C8    1 
ATOM   49  N N7    . DA  A 1 3  ? 0.823   -8.392  -3.224  1.00 17.73 ? 3   DA  A N7    1 
ATOM   50  C C5    . DA  A 1 3  ? -0.356  -8.366  -2.510  1.00 13.19 ? 3   DA  A C5    1 
ATOM   51  C C6    . DA  A 1 3  ? -0.642  -8.242  -1.201  1.00 11.82 ? 3   DA  A C6    1 
ATOM   52  N N6    . DA  A 1 3  ? 0.307   -8.158  -0.234  1.00 12.33 ? 3   DA  A N6    1 
ATOM   53  N N1    . DA  A 1 3  ? -1.900  -8.262  -0.804  1.00 10.46 ? 3   DA  A N1    1 
ATOM   54  C C2    . DA  A 1 3  ? -2.860  -8.340  -1.720  1.00 11.85 ? 3   DA  A C2    1 
ATOM   55  N N3    . DA  A 1 3  ? -2.702  -8.372  -3.039  1.00 11.06 ? 3   DA  A N3    1 
ATOM   56  C C4    . DA  A 1 3  ? -1.405  -8.355  -3.400  1.00 12.23 ? 3   DA  A C4    1 
ATOM   57  P P     . DG  A 1 4  ? -3.413  -7.799  -9.961  1.00 21.76 ? 4   DG  A P     1 
ATOM   58  O OP1   . DG  A 1 4  ? -4.584  -8.481  -10.600 1.00 21.71 ? 4   DG  A OP1   1 
ATOM   59  O OP2   . DG  A 1 4  ? -2.233  -7.305  -10.737 1.00 24.92 ? 4   DG  A OP2   1 
ATOM   60  O "O5'" . DG  A 1 4  ? -3.819  -6.564  -9.034  1.00 21.17 ? 4   DG  A "O5'" 1 
ATOM   61  C "C5'" . DG  A 1 4  ? -4.915  -6.679  -8.147  1.00 20.10 ? 4   DG  A "C5'" 1 
ATOM   62  C "C4'" . DG  A 1 4  ? -5.058  -5.521  -7.155  1.00 17.82 ? 4   DG  A "C4'" 1 
ATOM   63  O "O4'" . DG  A 1 4  ? -4.023  -5.765  -6.157  1.00 12.75 ? 4   DG  A "O4'" 1 
ATOM   64  C "C3'" . DG  A 1 4  ? -4.780  -4.155  -7.815  1.00 17.46 ? 4   DG  A "C3'" 1 
ATOM   65  O "O3'" . DG  A 1 4  ? -5.553  -3.098  -7.305  1.00 21.26 ? 4   DG  A "O3'" 1 
ATOM   66  C "C2'" . DG  A 1 4  ? -3.353  -3.917  -7.344  1.00 13.60 ? 4   DG  A "C2'" 1 
ATOM   67  C "C1'" . DG  A 1 4  ? -3.423  -4.493  -5.988  1.00 10.79 ? 4   DG  A "C1'" 1 
ATOM   68  N N9    . DG  A 1 4  ? -2.203  -4.695  -5.342  1.00 10.79 ? 4   DG  A N9    1 
ATOM   69  C C8    . DG  A 1 4  ? -0.927  -4.646  -5.795  1.00 6.17  ? 4   DG  A C8    1 
ATOM   70  N N7    . DG  A 1 4  ? -0.009  -4.805  -4.859  1.00 10.56 ? 4   DG  A N7    1 
ATOM   71  C C5    . DG  A 1 4  ? -0.729  -4.821  -3.655  1.00 10.62 ? 4   DG  A C5    1 
ATOM   72  C C6    . DG  A 1 4  ? -0.345  -4.990  -2.307  1.00 11.44 ? 4   DG  A C6    1 
ATOM   73  O O6    . DG  A 1 4  ? 0.799   -5.091  -1.884  1.00 8.89  ? 4   DG  A O6    1 
ATOM   74  N N1    . DG  A 1 4  ? -1.385  -5.007  -1.392  1.00 12.80 ? 4   DG  A N1    1 
ATOM   75  C C2    . DG  A 1 4  ? -2.719  -4.871  -1.805  1.00 8.69  ? 4   DG  A C2    1 
ATOM   76  N N2    . DG  A 1 4  ? -3.640  -4.975  -0.827  1.00 9.86  ? 4   DG  A N2    1 
ATOM   77  N N3    . DG  A 1 4  ? -3.119  -4.730  -3.098  1.00 7.78  ? 4   DG  A N3    1 
ATOM   78  C C4    . DG  A 1 4  ? -2.052  -4.711  -3.924  1.00 11.74 ? 4   DG  A C4    1 
ATOM   79  P P     . DG  A 1 5  ? -6.657  -2.183  -7.957  1.00 12.23 ? 5   DG  A P     1 
ATOM   80  O OP1   . DG  A 1 5  ? -7.741  -3.045  -8.472  1.00 12.56 ? 5   DG  A OP1   1 
ATOM   81  O OP2   . DG  A 1 5  ? -5.942  -1.198  -8.892  1.00 13.32 ? 5   DG  A OP2   1 
ATOM   82  O "O5'" . DG  A 1 5  ? -7.140  -1.332  -6.752  1.00 13.36 ? 5   DG  A "O5'" 1 
ATOM   83  C "C5'" . DG  A 1 5  ? -7.874  -1.989  -5.721  1.00 13.85 ? 5   DG  A "C5'" 1 
ATOM   84  C "C4'" . DG  A 1 5  ? -7.403  -1.538  -4.319  1.00 12.63 ? 5   DG  A "C4'" 1 
ATOM   85  O "O4'" . DG  A 1 5  ? -6.045  -1.967  -4.004  1.00 15.01 ? 5   DG  A "O4'" 1 
ATOM   86  C "C3'" . DG  A 1 5  ? -7.422  0.015   -4.206  1.00 13.93 ? 5   DG  A "C3'" 1 
ATOM   87  O "O3'" . DG  A 1 5  ? -8.378  0.376   -3.180  1.00 11.60 ? 5   DG  A "O3'" 1 
ATOM   88  C "C2'" . DG  A 1 5  ? -5.970  0.332   -3.989  1.00 9.68  ? 5   DG  A "C2'" 1 
ATOM   89  C "C1'" . DG  A 1 5  ? -5.358  -0.914  -3.319  1.00 10.40 ? 5   DG  A "C1'" 1 
ATOM   90  N N9    . DG  A 1 5  ? -3.935  -1.082  -3.520  1.00 15.52 ? 5   DG  A N9    1 
ATOM   91  C C8    . DG  A 1 5  ? -3.222  -1.099  -4.723  1.00 13.73 ? 5   DG  A C8    1 
ATOM   92  N N7    . DG  A 1 5  ? -1.933  -1.246  -4.539  1.00 16.74 ? 5   DG  A N7    1 
ATOM   93  C C5    . DG  A 1 5  ? -1.806  -1.396  -3.110  1.00 15.33 ? 5   DG  A C5    1 
ATOM   94  C C6    . DG  A 1 5  ? -0.653  -1.541  -2.347  1.00 12.14 ? 5   DG  A C6    1 
ATOM   95  O O6    . DG  A 1 5  ? 0.519   -1.712  -2.712  1.00 13.48 ? 5   DG  A O6    1 
ATOM   96  N N1    . DG  A 1 5  ? -0.973  -1.545  -0.975  1.00 12.05 ? 5   DG  A N1    1 
ATOM   97  C C2    . DG  A 1 5  ? -2.235  -1.378  -0.435  1.00 14.49 ? 5   DG  A C2    1 
ATOM   98  N N2    . DG  A 1 5  ? -2.386  -1.313  0.881   1.00 10.99 ? 5   DG  A N2    1 
ATOM   99  N N3    . DG  A 1 5  ? -3.344  -1.278  -1.210  1.00 15.88 ? 5   DG  A N3    1 
ATOM   100 C C4    . DG  A 1 5  ? -3.040  -1.300  -2.527  1.00 15.39 ? 5   DG  A C4    1 
ATOM   101 P P     . DC  A 1 6  ? -8.533  1.785   -2.582  1.00 13.01 ? 6   DC  A P     1 
ATOM   102 O OP1   . DC  A 1 6  ? -9.875  1.793   -2.011  1.00 19.25 ? 6   DC  A OP1   1 
ATOM   103 O OP2   . DC  A 1 6  ? -8.148  2.829   -3.511  1.00 17.11 ? 6   DC  A OP2   1 
ATOM   104 O "O5'" . DC  A 1 6  ? -7.456  1.831   -1.360  1.00 18.54 ? 6   DC  A "O5'" 1 
ATOM   105 C "C5'" . DC  A 1 6  ? -7.651  1.160   -0.158  1.00 20.01 ? 6   DC  A "C5'" 1 
ATOM   106 C "C4'" . DC  A 1 6  ? -6.503  1.482   0.742   1.00 22.98 ? 6   DC  A "C4'" 1 
ATOM   107 O "O4'" . DC  A 1 6  ? -5.295  1.105   0.077   1.00 21.87 ? 6   DC  A "O4'" 1 
ATOM   108 C "C3'" . DC  A 1 6  ? -6.438  2.969   1.074   1.00 18.85 ? 6   DC  A "C3'" 1 
ATOM   109 O "O3'" . DC  A 1 6  ? -6.510  3.100   2.510   1.00 22.52 ? 6   DC  A "O3'" 1 
ATOM   110 C "C2'" . DC  A 1 6  ? -5.130  3.352   0.505   1.00 21.68 ? 6   DC  A "C2'" 1 
ATOM   111 C "C1'" . DC  A 1 6  ? -4.362  2.092   0.490   1.00 18.11 ? 6   DC  A "C1'" 1 
ATOM   112 N N1    . DC  A 1 6  ? -3.242  2.194   -0.501  1.00 15.50 ? 6   DC  A N1    1 
ATOM   113 C C2    . DC  A 1 6  ? -1.918  2.138   0.010   1.00 13.23 ? 6   DC  A C2    1 
ATOM   114 O O2    . DC  A 1 6  ? -1.712  2.165   1.214   1.00 12.76 ? 6   DC  A O2    1 
ATOM   115 N N3    . DC  A 1 6  ? -0.904  2.021   -0.893  1.00 9.55  ? 6   DC  A N3    1 
ATOM   116 C C4    . DC  A 1 6  ? -1.172  2.029   -2.225  1.00 10.13 ? 6   DC  A C4    1 
ATOM   117 N N4    . DC  A 1 6  ? -0.152  1.854   -2.983  1.00 7.40  ? 6   DC  A N4    1 
ATOM   118 C C5    . DC  A 1 6  ? -2.483  2.227   -2.696  1.00 13.02 ? 6   DC  A C5    1 
ATOM   119 C C6    . DC  A 1 6  ? -3.498  2.270   -1.838  1.00 13.16 ? 6   DC  A C6    1 
HETATM 120 N N1    . 5CM A 1 7  ? -1.300  5.682   1.874   1.00 12.51 ? 7   5CM A N1    1 
HETATM 121 C C2    . 5CM A 1 7  ? 0.034   5.547   1.456   1.00 13.38 ? 7   5CM A C2    1 
HETATM 122 N N3    . 5CM A 1 7  ? 0.236   5.397   0.077   1.00 9.64  ? 7   5CM A N3    1 
HETATM 123 C C4    . 5CM A 1 7  ? -0.744  5.572   -0.790  1.00 11.62 ? 7   5CM A C4    1 
HETATM 124 C C5    . 5CM A 1 7  ? -2.077  5.780   -0.325  1.00 13.27 ? 7   5CM A C5    1 
HETATM 125 C C5A   . 5CM A 1 7  ? -3.201  6.039   -1.345  1.00 15.96 ? 7   5CM A C5A   1 
HETATM 126 C C6    . 5CM A 1 7  ? -2.325  5.754   0.926   1.00 14.18 ? 7   5CM A C6    1 
HETATM 127 O O2    . 5CM A 1 7  ? 0.996   5.717   2.223   1.00 12.37 ? 7   5CM A O2    1 
HETATM 128 N N4    . 5CM A 1 7  ? -0.446  5.515   -2.103  1.00 10.83 ? 7   5CM A N4    1 
HETATM 129 C "C1'" . 5CM A 1 7  ? -1.561  5.568   3.327   1.00 14.93 ? 7   5CM A "C1'" 1 
HETATM 130 C "C2'" . 5CM A 1 7  ? -2.348  6.763   3.789   1.00 19.29 ? 7   5CM A "C2'" 1 
HETATM 131 C "C3'" . 5CM A 1 7  ? -3.142  6.195   4.934   1.00 22.64 ? 7   5CM A "C3'" 1 
HETATM 132 C "C4'" . 5CM A 1 7  ? -3.089  4.696   4.710   1.00 20.32 ? 7   5CM A "C4'" 1 
HETATM 133 O "O4'" . 5CM A 1 7  ? -2.452  4.481   3.489   1.00 16.51 ? 7   5CM A "O4'" 1 
HETATM 134 O "O3'" . 5CM A 1 7  ? -2.501  6.363   6.241   1.00 25.70 ? 7   5CM A "O3'" 1 
HETATM 135 C "C5'" . 5CM A 1 7  ? -4.528  4.148   4.691   1.00 22.10 ? 7   5CM A "C5'" 1 
HETATM 136 O "O5'" . 5CM A 1 7  ? -5.302  4.949   3.791   1.00 23.30 ? 7   5CM A "O5'" 1 
HETATM 137 P P     . 5CM A 1 7  ? -6.756  4.504   3.284   1.00 21.95 ? 7   5CM A P     1 
HETATM 138 O OP1   . 5CM A 1 7  ? -7.569  4.189   4.478   1.00 22.73 ? 7   5CM A OP1   1 
HETATM 139 O OP2   . 5CM A 1 7  ? -7.235  5.563   2.334   1.00 20.09 ? 7   5CM A OP2   1 
ATOM   140 P P     . DT  A 1 8  ? -2.344  7.665   7.087   1.00 30.06 ? 8   DT  A P     1 
ATOM   141 O OP1   . DT  A 1 8  ? -2.143  7.285   8.448   1.00 32.90 ? 8   DT  A OP1   1 
ATOM   142 O OP2   . DT  A 1 8  ? -3.409  8.631   6.714   1.00 27.08 ? 8   DT  A OP2   1 
ATOM   143 O "O5'" . DT  A 1 8  ? -1.084  8.298   6.476   1.00 28.77 ? 8   DT  A "O5'" 1 
ATOM   144 C "C5'" . DT  A 1 8  ? 0.182   7.718   6.873   1.00 27.62 ? 8   DT  A "C5'" 1 
ATOM   145 C "C4'" . DT  A 1 8  ? 1.317   8.516   6.300   1.00 21.96 ? 8   DT  A "C4'" 1 
ATOM   146 O "O4'" . DT  A 1 8  ? 1.321   8.369   4.935   1.00 16.95 ? 8   DT  A "O4'" 1 
ATOM   147 C "C3'" . DT  A 1 8  ? 1.135   10.015  6.660   1.00 24.08 ? 8   DT  A "C3'" 1 
ATOM   148 O "O3'" . DT  A 1 8  ? 2.454   10.538  6.963   1.00 26.89 ? 8   DT  A "O3'" 1 
ATOM   149 C "C2'" . DT  A 1 8  ? 0.665   10.585  5.328   1.00 18.61 ? 8   DT  A "C2'" 1 
ATOM   150 C "C1'" . DT  A 1 8  ? 1.428   9.665   4.330   1.00 17.57 ? 8   DT  A "C1'" 1 
ATOM   151 N N1    . DT  A 1 8  ? 0.951   9.607   3.017   1.00 15.74 ? 8   DT  A N1    1 
ATOM   152 C C2    . DT  A 1 8  ? 1.833   9.122   2.018   1.00 11.50 ? 8   DT  A C2    1 
ATOM   153 O O2    . DT  A 1 8  ? 2.952   8.831   2.210   1.00 12.94 ? 8   DT  A O2    1 
ATOM   154 N N3    . DT  A 1 8  ? 1.275   8.906   0.734   1.00 16.53 ? 8   DT  A N3    1 
ATOM   155 C C4    . DT  A 1 8  ? -0.018  9.112   0.405   1.00 11.06 ? 8   DT  A C4    1 
ATOM   156 O O4    . DT  A 1 8  ? -0.352  8.897   -0.803  1.00 11.54 ? 8   DT  A O4    1 
ATOM   157 C C5    . DT  A 1 8  ? -0.883  9.532   1.497   1.00 9.62  ? 8   DT  A C5    1 
ATOM   158 C C7    . DT  A 1 8  ? -2.414  9.651   1.294   1.00 10.02 ? 8   DT  A C7    1 
ATOM   159 C C6    . DT  A 1 8  ? -0.393  9.823   2.703   1.00 11.15 ? 8   DT  A C6    1 
ATOM   160 P P     . DG  A 1 9  ? 2.746   11.371  8.364   1.00 26.62 ? 9   DG  A P     1 
ATOM   161 O OP1   . DG  A 1 9  ? 2.569   10.447  9.519   1.00 26.73 ? 9   DG  A OP1   1 
ATOM   162 O OP2   . DG  A 1 9  ? 1.948   12.629  8.291   1.00 27.53 ? 9   DG  A OP2   1 
ATOM   163 O "O5'" . DG  A 1 9  ? 4.271   11.703  8.070   1.00 22.97 ? 9   DG  A "O5'" 1 
ATOM   164 C "C5'" . DG  A 1 9  ? 5.234   10.666  7.792   1.00 25.58 ? 9   DG  A "C5'" 1 
ATOM   165 C "C4'" . DG  A 1 9  ? 6.278   11.016  6.672   1.00 27.08 ? 9   DG  A "C4'" 1 
ATOM   166 O "O4'" . DG  A 1 9  ? 5.830   11.054  5.298   1.00 24.85 ? 9   DG  A "O4'" 1 
ATOM   167 C "C3'" . DG  A 1 9  ? 6.914   12.397  6.973   1.00 31.59 ? 9   DG  A "C3'" 1 
ATOM   168 O "O3'" . DG  A 1 9  ? 8.304   12.285  6.537   1.00 35.63 ? 9   DG  A "O3'" 1 
ATOM   169 C "C2'" . DG  A 1 9  ? 6.050   13.286  6.099   1.00 26.83 ? 9   DG  A "C2'" 1 
ATOM   170 C "C1'" . DG  A 1 9  ? 5.759   12.434  4.895   1.00 22.41 ? 9   DG  A "C1'" 1 
ATOM   171 N N9    . DG  A 1 9  ? 4.517   12.740  4.204   1.00 16.95 ? 9   DG  A N9    1 
ATOM   172 C C8    . DG  A 1 9  ? 3.352   13.298  4.607   1.00 15.35 ? 9   DG  A C8    1 
ATOM   173 N N7    . DG  A 1 9  ? 2.375   13.267  3.793   1.00 14.59 ? 9   DG  A N7    1 
ATOM   174 C C5    . DG  A 1 9  ? 2.930   12.654  2.656   1.00 13.85 ? 9   DG  A C5    1 
ATOM   175 C C6    . DG  A 1 9  ? 2.411   12.433  1.409   1.00 14.65 ? 9   DG  A C6    1 
ATOM   176 O O6    . DG  A 1 9  ? 1.223   12.579  0.999   1.00 18.97 ? 9   DG  A O6    1 
ATOM   177 N N1    . DG  A 1 9  ? 3.326   11.984  0.497   1.00 14.12 ? 9   DG  A N1    1 
ATOM   178 C C2    . DG  A 1 9  ? 4.670   11.768  0.811   1.00 12.01 ? 9   DG  A C2    1 
ATOM   179 N N2    . DG  A 1 9  ? 5.496   11.332  -0.123  1.00 13.49 ? 9   DG  A N2    1 
ATOM   180 N N3    . DG  A 1 9  ? 5.154   11.951  1.972   1.00 11.85 ? 9   DG  A N3    1 
ATOM   181 C C4    . DG  A 1 9  ? 4.233   12.368  2.887   1.00 14.91 ? 9   DG  A C4    1 
ATOM   182 P P     . DG  A 1 10 ? 9.363   13.387  6.908   1.00 34.38 ? 10  DG  A P     1 
ATOM   183 O OP1   . DG  A 1 10 ? 10.627  12.659  7.211   1.00 35.77 ? 10  DG  A OP1   1 
ATOM   184 O OP2   . DG  A 1 10 ? 8.791   14.271  7.896   1.00 33.11 ? 10  DG  A OP2   1 
ATOM   185 O "O5'" . DG  A 1 10 ? 9.578   14.325  5.594   1.00 36.94 ? 10  DG  A "O5'" 1 
ATOM   186 C "C5'" . DG  A 1 10 ? 9.029   13.937  4.361   1.00 37.98 ? 10  DG  A "C5'" 1 
ATOM   187 C "C4'" . DG  A 1 10 ? 9.795   14.429  3.081   1.00 34.65 ? 10  DG  A "C4'" 1 
ATOM   188 O "O4'" . DG  A 1 10 ? 8.874   14.366  2.005   1.00 35.46 ? 10  DG  A "O4'" 1 
ATOM   189 C "C3'" . DG  A 1 10 ? 10.207  15.902  3.157   1.00 32.09 ? 10  DG  A "C3'" 1 
ATOM   190 O "O3'" . DG  A 1 10 ? 11.048  16.219  2.053   1.00 36.91 ? 10  DG  A "O3'" 1 
ATOM   191 C "C2'" . DG  A 1 10 ? 8.796   16.529  3.001   1.00 30.76 ? 10  DG  A "C2'" 1 
ATOM   192 C "C1'" . DG  A 1 10 ? 8.122   15.580  1.920   1.00 31.29 ? 10  DG  A "C1'" 1 
ATOM   193 N N9    . DG  A 1 10 ? 6.644   15.445  2.145   1.00 22.12 ? 10  DG  A N9    1 
ATOM   194 C C8    . DG  A 1 10 ? 5.906   15.774  3.249   1.00 15.46 ? 10  DG  A C8    1 
ATOM   195 N N7    . DG  A 1 10 ? 4.663   16.042  2.950   1.00 17.90 ? 10  DG  A N7    1 
ATOM   196 C C5    . DG  A 1 10 ? 4.576   15.742  1.666   1.00 20.60 ? 10  DG  A C5    1 
ATOM   197 C C6    . DG  A 1 10 ? 3.465   15.695  0.797   1.00 14.78 ? 10  DG  A C6    1 
ATOM   198 O O6    . DG  A 1 10 ? 2.299   15.826  1.114   1.00 15.98 ? 10  DG  A O6    1 
ATOM   199 N N1    . DG  A 1 10 ? 3.688   15.440  -0.536  1.00 12.16 ? 10  DG  A N1    1 
ATOM   200 C C2    . DG  A 1 10 ? 4.929   15.080  -0.919  1.00 18.15 ? 10  DG  A C2    1 
ATOM   201 N N2    . DG  A 1 10 ? 5.011   14.850  -2.258  1.00 21.39 ? 10  DG  A N2    1 
ATOM   202 N N3    . DG  A 1 10 ? 5.976   14.923  -0.122  1.00 22.42 ? 10  DG  A N3    1 
ATOM   203 C C4    . DG  A 1 10 ? 5.756   15.344  1.109   1.00 22.36 ? 10  DG  A C4    1 
ATOM   204 O "O5'" . DC  B 1 1  ? -1.871  15.701  -9.095  1.00 46.96 ? 11  DC  B "O5'" 1 
ATOM   205 C "C5'" . DC  B 1 1  ? -1.381  16.272  -7.896  1.00 42.64 ? 11  DC  B "C5'" 1 
ATOM   206 C "C4'" . DC  B 1 1  ? 0.137   16.085  -7.687  1.00 39.46 ? 11  DC  B "C4'" 1 
ATOM   207 O "O4'" . DC  B 1 1  ? 0.467   16.488  -6.336  1.00 37.74 ? 11  DC  B "O4'" 1 
ATOM   208 C "C3'" . DC  B 1 1  ? 0.561   14.597  -7.831  1.00 36.21 ? 11  DC  B "C3'" 1 
ATOM   209 O "O3'" . DC  B 1 1  ? 1.765   14.426  -8.549  1.00 37.31 ? 11  DC  B "O3'" 1 
ATOM   210 C "C2'" . DC  B 1 1  ? 0.784   14.186  -6.377  1.00 32.04 ? 11  DC  B "C2'" 1 
ATOM   211 C "C1'" . DC  B 1 1  ? 1.216   15.424  -5.715  1.00 31.54 ? 11  DC  B "C1'" 1 
ATOM   212 N N1    . DC  B 1 1  ? 0.815   15.335  -4.267  1.00 25.08 ? 11  DC  B N1    1 
ATOM   213 C C2    . DC  B 1 1  ? 1.830   15.363  -3.416  1.00 23.24 ? 11  DC  B C2    1 
ATOM   214 O O2    . DC  B 1 1  ? 3.014   15.333  -3.740  1.00 22.91 ? 11  DC  B O2    1 
ATOM   215 N N3    . DC  B 1 1  ? 1.521   15.352  -2.097  1.00 21.65 ? 11  DC  B N3    1 
ATOM   216 C C4    . DC  B 1 1  ? 0.252   15.337  -1.647  1.00 19.12 ? 11  DC  B C4    1 
ATOM   217 N N4    . DC  B 1 1  ? 0.040   15.586  -0.365  1.00 19.70 ? 11  DC  B N4    1 
ATOM   218 C C5    . DC  B 1 1  ? -0.822  15.139  -2.573  1.00 19.30 ? 11  DC  B C5    1 
ATOM   219 C C6    . DC  B 1 1  ? -0.512  15.223  -3.845  1.00 24.38 ? 11  DC  B C6    1 
ATOM   220 P P     . DC  B 1 2  ? 1.849   13.079  -9.421  1.00 40.42 ? 12  DC  B P     1 
ATOM   221 O OP1   . DC  B 1 2  ? 2.669   13.428  -10.616 1.00 41.98 ? 12  DC  B OP1   1 
ATOM   222 O OP2   . DC  B 1 2  ? 0.555   12.392  -9.532  1.00 37.89 ? 12  DC  B OP2   1 
ATOM   223 O "O5'" . DC  B 1 2  ? 2.780   12.188  -8.422  1.00 40.49 ? 12  DC  B "O5'" 1 
ATOM   224 C "C5'" . DC  B 1 2  ? 4.222   12.176  -8.388  1.00 35.16 ? 12  DC  B "C5'" 1 
ATOM   225 C "C4'" . DC  B 1 2  ? 4.753   11.255  -7.360  1.00 31.03 ? 12  DC  B "C4'" 1 
ATOM   226 O "O4'" . DC  B 1 2  ? 4.287   11.688  -6.101  1.00 29.07 ? 12  DC  B "O4'" 1 
ATOM   227 C "C3'" . DC  B 1 2  ? 4.286   9.851   -7.568  1.00 32.00 ? 12  DC  B "C3'" 1 
ATOM   228 O "O3'" . DC  B 1 2  ? 5.295   8.936   -7.130  1.00 36.68 ? 12  DC  B "O3'" 1 
ATOM   229 C "C2'" . DC  B 1 2  ? 3.167   9.749   -6.577  1.00 27.10 ? 12  DC  B "C2'" 1 
ATOM   230 C "C1'" . DC  B 1 2  ? 3.761   10.613  -5.418  1.00 25.39 ? 12  DC  B "C1'" 1 
ATOM   231 N N1    . DC  B 1 2  ? 2.817   11.042  -4.399  1.00 18.59 ? 12  DC  B N1    1 
ATOM   232 C C2    . DC  B 1 2  ? 3.297   11.265  -3.188  1.00 18.14 ? 12  DC  B C2    1 
ATOM   233 O O2    . DC  B 1 2  ? 4.502   11.148  -2.833  1.00 23.56 ? 12  DC  B O2    1 
ATOM   234 N N3    . DC  B 1 2  ? 2.481   11.602  -2.158  1.00 12.14 ? 12  DC  B N3    1 
ATOM   235 C C4    . DC  B 1 2  ? 1.173   11.648  -2.332  1.00 6.50  ? 12  DC  B C4    1 
ATOM   236 N N4    . DC  B 1 2  ? 0.392   12.039  -1.412  1.00 12.55 ? 12  DC  B N4    1 
ATOM   237 C C5    . DC  B 1 2  ? 0.616   11.359  -3.663  1.00 9.06  ? 12  DC  B C5    1 
ATOM   238 C C6    . DC  B 1 2  ? 1.521   11.081  -4.626  1.00 13.28 ? 12  DC  B C6    1 
ATOM   239 P P     . DA  B 1 3  ? 6.474   8.428   -8.172  1.00 39.39 ? 13  DA  B P     1 
ATOM   240 O OP1   . DA  B 1 3  ? 6.933   9.578   -8.933  1.00 42.67 ? 13  DA  B OP1   1 
ATOM   241 O OP2   . DA  B 1 3  ? 5.958   7.237   -8.858  1.00 39.04 ? 13  DA  B OP2   1 
ATOM   242 O "O5'" . DA  B 1 3  ? 7.611   7.956   -7.152  1.00 35.85 ? 13  DA  B "O5'" 1 
ATOM   243 C "C5'" . DA  B 1 3  ? 8.488   8.901   -6.525  1.00 31.04 ? 13  DA  B "C5'" 1 
ATOM   244 C "C4'" . DA  B 1 3  ? 8.863   8.532   -5.071  1.00 28.99 ? 13  DA  B "C4'" 1 
ATOM   245 O "O4'" . DA  B 1 3  ? 7.712   8.561   -4.269  1.00 29.38 ? 13  DA  B "O4'" 1 
ATOM   246 C "C3'" . DA  B 1 3  ? 9.389   7.151   -4.958  1.00 29.60 ? 13  DA  B "C3'" 1 
ATOM   247 O "O3'" . DA  B 1 3  ? 10.336  7.069   -3.886  1.00 30.35 ? 13  DA  B "O3'" 1 
ATOM   248 C "C2'" . DA  B 1 3  ? 8.126   6.317   -4.684  1.00 22.55 ? 13  DA  B "C2'" 1 
ATOM   249 C "C1'" . DA  B 1 3  ? 7.341   7.268   -3.776  1.00 20.87 ? 13  DA  B "C1'" 1 
ATOM   250 N N9    . DA  B 1 3  ? 5.875   7.144   -3.798  1.00 13.64 ? 13  DA  B N9    1 
ATOM   251 C C8    . DA  B 1 3  ? 5.064   6.888   -4.856  1.00 10.49 ? 13  DA  B C8    1 
ATOM   252 N N7    . DA  B 1 3  ? 3.775   7.071   -4.600  1.00 13.33 ? 13  DA  B N7    1 
ATOM   253 C C5    . DA  B 1 3  ? 3.798   7.594   -3.302  1.00 11.21 ? 13  DA  B C5    1 
ATOM   254 C C6    . DA  B 1 3  ? 2.723   7.895   -2.432  1.00 9.62  ? 13  DA  B C6    1 
ATOM   255 N N6    . DA  B 1 3  ? 1.483   7.884   -2.724  1.00 12.47 ? 13  DA  B N6    1 
ATOM   256 N N1    . DA  B 1 3  ? 3.057   8.182   -1.177  1.00 9.81  ? 13  DA  B N1    1 
ATOM   257 C C2    . DA  B 1 3  ? 4.366   8.191   -0.760  1.00 11.18 ? 13  DA  B C2    1 
ATOM   258 N N3    . DA  B 1 3  ? 5.411   7.871   -1.522  1.00 9.56  ? 13  DA  B N3    1 
ATOM   259 C C4    . DA  B 1 3  ? 5.032   7.553   -2.811  1.00 13.30 ? 13  DA  B C4    1 
ATOM   260 P P     . DG  B 1 4  ? 11.291  5.814   -3.863  1.00 32.61 ? 14  DG  B P     1 
ATOM   261 O OP1   . DG  B 1 4  ? 12.604  6.284   -3.362  1.00 32.08 ? 14  DG  B OP1   1 
ATOM   262 O OP2   . DG  B 1 4  ? 11.270  5.085   -5.108  1.00 30.03 ? 14  DG  B OP2   1 
ATOM   263 O "O5'" . DG  B 1 4  ? 10.721  4.820   -2.729  1.00 27.82 ? 14  DG  B "O5'" 1 
ATOM   264 C "C5'" . DG  B 1 4  ? 10.785  5.133   -1.341  1.00 23.15 ? 14  DG  B "C5'" 1 
ATOM   265 C "C4'" . DG  B 1 4  ? 9.746   4.333   -0.553  1.00 22.62 ? 14  DG  B "C4'" 1 
ATOM   266 O "O4'" . DG  B 1 4  ? 8.443   4.638   -0.980  1.00 17.41 ? 14  DG  B "O4'" 1 
ATOM   267 C "C3'" . DG  B 1 4  ? 9.940   2.811   -0.771  1.00 19.51 ? 14  DG  B "C3'" 1 
ATOM   268 O "O3'" . DG  B 1 4  ? 9.797   2.276   0.510   1.00 20.14 ? 14  DG  B "O3'" 1 
ATOM   269 C "C2'" . DG  B 1 4  ? 8.713   2.477   -1.547  1.00 17.97 ? 14  DG  B "C2'" 1 
ATOM   270 C "C1'" . DG  B 1 4  ? 7.676   3.444   -1.000  1.00 14.69 ? 14  DG  B "C1'" 1 
ATOM   271 N N9    . DG  B 1 4  ? 6.438   3.637   -1.787  1.00 12.21 ? 14  DG  B N9    1 
ATOM   272 C C8    . DG  B 1 4  ? 6.171   3.366   -3.112  1.00 12.02 ? 14  DG  B C8    1 
ATOM   273 N N7    . DG  B 1 4  ? 4.964   3.690   -3.521  1.00 13.80 ? 14  DG  B N7    1 
ATOM   274 C C5    . DG  B 1 4  ? 4.356   4.073   -2.313  1.00 14.86 ? 14  DG  B C5    1 
ATOM   275 C C6    . DG  B 1 4  ? 2.997   4.445   -2.040  1.00 11.41 ? 14  DG  B C6    1 
ATOM   276 O O6    . DG  B 1 4  ? 1.999   4.427   -2.750  1.00 7.91  ? 14  DG  B O6    1 
ATOM   277 N N1    . DG  B 1 4  ? 2.868   4.926   -0.742  1.00 11.06 ? 14  DG  B N1    1 
ATOM   278 C C2    . DG  B 1 4  ? 3.855   4.932   0.216   1.00 8.77  ? 14  DG  B C2    1 
ATOM   279 N N2    . DG  B 1 4  ? 3.620   5.492   1.400   1.00 14.54 ? 14  DG  B N2    1 
ATOM   280 N N3    . DG  B 1 4  ? 5.095   4.480   -0.017  1.00 14.13 ? 14  DG  B N3    1 
ATOM   281 C C4    . DG  B 1 4  ? 5.282   4.096   -1.287  1.00 13.44 ? 14  DG  B C4    1 
ATOM   282 P P     . DG  B 1 5  ? 10.783  1.354   1.247   1.00 11.23 ? 15  DG  B P     1 
ATOM   283 O OP1   . DG  B 1 5  ? 11.911  2.173   1.749   1.00 15.56 ? 15  DG  B OP1   1 
ATOM   284 O OP2   . DG  B 1 5  ? 11.009  0.130   0.475   1.00 8.70  ? 15  DG  B OP2   1 
ATOM   285 O "O5'" . DG  B 1 5  ? 9.862   0.952   2.427   1.00 7.27  ? 15  DG  B "O5'" 1 
ATOM   286 C "C5'" . DG  B 1 5  ? 9.498   1.902   3.397   1.00 8.34  ? 15  DG  B "C5'" 1 
ATOM   287 C "C4'" . DG  B 1 5  ? 8.038   1.850   3.811   1.00 7.67  ? 15  DG  B "C4'" 1 
ATOM   288 O "O4'" . DG  B 1 5  ? 7.134   2.167   2.720   1.00 13.22 ? 15  DG  B "O4'" 1 
ATOM   289 C "C3'" . DG  B 1 5  ? 7.705   0.478   4.293   1.00 9.21  ? 15  DG  B "C3'" 1 
ATOM   290 O "O3'" . DG  B 1 5  ? 7.022   0.664   5.481   1.00 12.45 ? 15  DG  B "O3'" 1 
ATOM   291 C "C2'" . DG  B 1 5  ? 6.705   -0.023  3.254   1.00 9.92  ? 15  DG  B "C2'" 1 
ATOM   292 C "C1'" . DG  B 1 5  ? 6.054   1.208   2.744   1.00 9.24  ? 15  DG  B "C1'" 1 
ATOM   293 N N9    . DG  B 1 5  ? 5.419   1.074   1.433   1.00 8.84  ? 15  DG  B N9    1 
ATOM   294 C C8    . DG  B 1 5  ? 5.935   0.539   0.308   1.00 8.90  ? 15  DG  B C8    1 
ATOM   295 N N7    . DG  B 1 5  ? 5.036   0.444   -0.677  1.00 12.31 ? 15  DG  B N7    1 
ATOM   296 C C5    . DG  B 1 5  ? 3.893   1.045   -0.135  1.00 12.30 ? 15  DG  B C5    1 
ATOM   297 C C6    . DG  B 1 5  ? 2.617   1.296   -0.716  1.00 9.46  ? 15  DG  B C6    1 
ATOM   298 O O6    . DG  B 1 5  ? 2.247   1.233   -1.868  1.00 11.56 ? 15  DG  B O6    1 
ATOM   299 N N1    . DG  B 1 5  ? 1.685   1.719   0.252   1.00 8.97  ? 15  DG  B N1    1 
ATOM   300 C C2    . DG  B 1 5  ? 1.996   1.947   1.564   1.00 13.38 ? 15  DG  B C2    1 
ATOM   301 N N2    . DG  B 1 5  ? 1.019   2.432   2.348   1.00 11.02 ? 15  DG  B N2    1 
ATOM   302 N N3    . DG  B 1 5  ? 3.211   1.804   2.064   1.00 16.07 ? 15  DG  B N3    1 
ATOM   303 C C4    . DG  B 1 5  ? 4.115   1.360   1.203   1.00 11.35 ? 15  DG  B C4    1 
ATOM   304 P P     . DC  B 1 6  ? 6.466   -0.524  6.419   1.00 17.43 ? 16  DC  B P     1 
ATOM   305 O OP1   . DC  B 1 6  ? 6.739   -0.146  7.789   1.00 18.81 ? 16  DC  B OP1   1 
ATOM   306 O OP2   . DC  B 1 6  ? 7.011   -1.821  5.890   1.00 16.62 ? 16  DC  B OP2   1 
ATOM   307 O "O5'" . DC  B 1 6  ? 4.900   -0.589  6.037   1.00 18.75 ? 16  DC  B "O5'" 1 
ATOM   308 C "C5'" . DC  B 1 6  ? 4.116   0.474   6.598   1.00 21.69 ? 16  DC  B "C5'" 1 
ATOM   309 C "C4'" . DC  B 1 6  ? 2.649   0.222   6.286   1.00 20.11 ? 16  DC  B "C4'" 1 
ATOM   310 O "O4'" . DC  B 1 6  ? 2.437   0.254   4.937   1.00 17.72 ? 16  DC  B "O4'" 1 
ATOM   311 C "C3'" . DC  B 1 6  ? 2.242   -1.126  6.889   1.00 18.52 ? 16  DC  B "C3'" 1 
ATOM   312 O "O3'" . DC  B 1 6  ? 1.123   -0.856  7.723   1.00 20.01 ? 16  DC  B "O3'" 1 
ATOM   313 C "C2'" . DC  B 1 6  ? 1.880   -1.863  5.654   1.00 17.92 ? 16  DC  B "C2'" 1 
ATOM   314 C "C1'" . DC  B 1 6  ? 1.614   -0.852  4.589   1.00 16.49 ? 16  DC  B "C1'" 1 
ATOM   315 N N1    . DC  B 1 6  ? 1.938   -1.407  3.231   1.00 13.51 ? 16  DC  B N1    1 
ATOM   316 C C2    . DC  B 1 6  ? 0.894   -1.437  2.291   1.00 17.40 ? 16  DC  B C2    1 
ATOM   317 O O2    . DC  B 1 6  ? -0.278  -1.340  2.610   1.00 18.88 ? 16  DC  B O2    1 
ATOM   318 N N3    . DC  B 1 6  ? 1.155   -1.696  0.994   1.00 15.33 ? 16  DC  B N3    1 
ATOM   319 C C4    . DC  B 1 6  ? 2.399   -1.982  0.659   1.00 10.25 ? 16  DC  B C4    1 
ATOM   320 N N4    . DC  B 1 6  ? 2.615   -2.198  -0.626  1.00 9.90  ? 16  DC  B N4    1 
ATOM   321 C C5    . DC  B 1 6  ? 3.486   -1.997  1.585   1.00 10.56 ? 16  DC  B C5    1 
ATOM   322 C C6    . DC  B 1 6  ? 3.237   -1.670  2.876   1.00 8.76  ? 16  DC  B C6    1 
HETATM 323 N N1    . 5CM B 1 7  ? -1.635  -4.577  3.708   1.00 12.16 ? 17  5CM B N1    1 
HETATM 324 C C2    . 5CM B 1 7  ? -1.967  -4.699  2.350   1.00 13.28 ? 17  5CM B C2    1 
HETATM 325 N N3    . 5CM B 1 7  ? -0.926  -4.961  1.442   1.00 7.92  ? 17  5CM B N3    1 
HETATM 326 C C4    . 5CM B 1 7  ? 0.330   -5.015  1.828   1.00 11.11 ? 17  5CM B C4    1 
HETATM 327 C C5    . 5CM B 1 7  ? 0.678   -4.958  3.280   1.00 9.39  ? 17  5CM B C5    1 
HETATM 328 C C5A   . 5CM B 1 7  ? 2.141   -5.113  3.750   1.00 4.69  ? 17  5CM B C5A   1 
HETATM 329 C C6    . 5CM B 1 7  ? -0.358  -4.736  4.138   1.00 15.24 ? 17  5CM B C6    1 
HETATM 330 O O2    . 5CM B 1 7  ? -3.122  -4.666  1.933   1.00 18.46 ? 17  5CM B O2    1 
HETATM 331 N N4    . 5CM B 1 7  ? 1.238   -5.220  0.912   1.00 13.18 ? 17  5CM B N4    1 
HETATM 332 C "C1'" . 5CM B 1 7  ? -2.636  -3.872  4.543   1.00 13.53 ? 17  5CM B "C1'" 1 
HETATM 333 C "C2'" . 5CM B 1 7  ? -2.776  -4.539  5.922   1.00 12.03 ? 17  5CM B "C2'" 1 
HETATM 334 C "C3'" . 5CM B 1 7  ? -3.340  -3.454  6.806   1.00 17.58 ? 17  5CM B "C3'" 1 
HETATM 335 C "C4'" . 5CM B 1 7  ? -2.873  -2.123  6.135   1.00 16.20 ? 17  5CM B "C4'" 1 
HETATM 336 O "O4'" . 5CM B 1 7  ? -2.143  -2.560  4.988   1.00 17.59 ? 17  5CM B "O4'" 1 
HETATM 337 O "O3'" . 5CM B 1 7  ? -4.788  -3.477  6.775   1.00 26.35 ? 17  5CM B "O3'" 1 
HETATM 338 C "C5'" . 5CM B 1 7  ? -1.999  -1.364  7.062   1.00 15.27 ? 17  5CM B "C5'" 1 
HETATM 339 O "O5'" . 5CM B 1 7  ? -0.944  -2.250  7.533   1.00 20.53 ? 17  5CM B "O5'" 1 
HETATM 340 P P     . 5CM B 1 7  ? 0.228   -1.885  8.571   1.00 18.03 ? 17  5CM B P     1 
HETATM 341 O OP1   . 5CM B 1 7  ? -0.376  -1.188  9.769   1.00 20.14 ? 17  5CM B OP1   1 
HETATM 342 O OP2   . 5CM B 1 7  ? 0.951   -3.120  8.764   1.00 17.74 ? 17  5CM B OP2   1 
ATOM   343 P P     . DT  B 1 8  ? -5.644  -4.437  7.704   1.00 30.64 ? 18  DT  B P     1 
ATOM   344 O OP1   . DT  B 1 8  ? -6.835  -3.660  8.158   1.00 28.37 ? 18  DT  B OP1   1 
ATOM   345 O OP2   . DT  B 1 8  ? -4.777  -5.104  8.718   1.00 28.13 ? 18  DT  B OP2   1 
ATOM   346 O "O5'" . DT  B 1 8  ? -6.090  -5.590  6.751   1.00 28.57 ? 18  DT  B "O5'" 1 
ATOM   347 C "C5'" . DT  B 1 8  ? -7.143  -5.373  5.808   1.00 22.90 ? 18  DT  B "C5'" 1 
ATOM   348 C "C4'" . DT  B 1 8  ? -7.274  -6.448  4.803   1.00 23.36 ? 18  DT  B "C4'" 1 
ATOM   349 O "O4'" . DT  B 1 8  ? -6.038  -6.451  4.071   1.00 24.59 ? 18  DT  B "O4'" 1 
ATOM   350 C "C3'" . DT  B 1 8  ? -7.360  -7.850  5.452   1.00 26.61 ? 18  DT  B "C3'" 1 
ATOM   351 O "O3'" . DT  B 1 8  ? -8.320  -8.673  4.848   1.00 31.52 ? 18  DT  B "O3'" 1 
ATOM   352 C "C2'" . DT  B 1 8  ? -5.981  -8.401  5.178   1.00 28.45 ? 18  DT  B "C2'" 1 
ATOM   353 C "C1'" . DT  B 1 8  ? -5.652  -7.769  3.787   1.00 22.71 ? 18  DT  B "C1'" 1 
ATOM   354 N N1    . DT  B 1 8  ? -4.188  -7.849  3.473   1.00 18.90 ? 18  DT  B N1    1 
ATOM   355 C C2    . DT  B 1 8  ? -3.840  -7.989  2.097   1.00 17.12 ? 18  DT  B C2    1 
ATOM   356 O O2    . DT  B 1 8  ? -4.624  -7.889  1.170   1.00 15.66 ? 18  DT  B O2    1 
ATOM   357 N N3    . DT  B 1 8  ? -2.513  -8.250  1.831   1.00 12.61 ? 18  DT  B N3    1 
ATOM   358 C C4    . DT  B 1 8  ? -1.520  -8.210  2.787   1.00 11.55 ? 18  DT  B C4    1 
ATOM   359 O O4    . DT  B 1 8  ? -0.319  -8.213  2.408   1.00 12.56 ? 18  DT  B O4    1 
ATOM   360 C C5    . DT  B 1 8  ? -1.981  -8.190  4.153   1.00 12.25 ? 18  DT  B C5    1 
ATOM   361 C C7    . DT  B 1 8  ? -1.063  -8.367  5.284   1.00 12.80 ? 18  DT  B C7    1 
ATOM   362 C C6    . DT  B 1 8  ? -3.269  -7.933  4.456   1.00 15.59 ? 18  DT  B C6    1 
ATOM   363 P P     . DG  B 1 9  ? -9.922  -8.476  5.007   1.00 30.26 ? 19  DG  B P     1 
ATOM   364 O OP1   . DG  B 1 9  ? -10.257 -7.038  4.734   1.00 26.34 ? 19  DG  B OP1   1 
ATOM   365 O OP2   . DG  B 1 9  ? -10.320 -9.179  6.225   1.00 33.19 ? 19  DG  B OP2   1 
ATOM   366 O "O5'" . DG  B 1 9  ? -10.438 -9.329  3.726   1.00 30.96 ? 19  DG  B "O5'" 1 
ATOM   367 C "C5'" . DG  B 1 9  ? -10.821 -8.660  2.511   1.00 29.70 ? 19  DG  B "C5'" 1 
ATOM   368 C "C4'" . DG  B 1 9  ? -10.310 -9.509  1.394   1.00 32.54 ? 19  DG  B "C4'" 1 
ATOM   369 O "O4'" . DG  B 1 9  ? -8.892  -9.656  1.439   1.00 34.02 ? 19  DG  B "O4'" 1 
ATOM   370 C "C3'" . DG  B 1 9  ? -10.940 -10.894 1.482   1.00 37.83 ? 19  DG  B "C3'" 1 
ATOM   371 O "O3'" . DG  B 1 9  ? -11.716 -11.095 0.316   1.00 47.44 ? 19  DG  B "O3'" 1 
ATOM   372 C "C2'" . DG  B 1 9  ? -9.740  -11.826 1.713   1.00 34.40 ? 19  DG  B "C2'" 1 
ATOM   373 C "C1'" . DG  B 1 9  ? -8.540  -11.029 1.265   1.00 33.57 ? 19  DG  B "C1'" 1 
ATOM   374 N N9    . DG  B 1 9  ? -7.365  -11.352 2.026   1.00 28.97 ? 19  DG  B N9    1 
ATOM   375 C C8    . DG  B 1 9  ? -7.198  -11.340 3.389   1.00 26.57 ? 19  DG  B C8    1 
ATOM   376 N N7    . DG  B 1 9  ? -5.930  -11.327 3.770   1.00 25.63 ? 19  DG  B N7    1 
ATOM   377 C C5    . DG  B 1 9  ? -5.222  -11.378 2.572   1.00 22.83 ? 19  DG  B C5    1 
ATOM   378 C C6    . DG  B 1 9  ? -3.857  -11.363 2.336   1.00 23.85 ? 19  DG  B C6    1 
ATOM   379 O O6    . DG  B 1 9  ? -2.908  -11.260 3.108   1.00 23.35 ? 19  DG  B O6    1 
ATOM   380 N N1    . DG  B 1 9  ? -3.553  -11.386 1.019   1.00 23.45 ? 19  DG  B N1    1 
ATOM   381 C C2    . DG  B 1 9  ? -4.480  -11.409 -0.007  1.00 21.54 ? 19  DG  B C2    1 
ATOM   382 N N2    . DG  B 1 9  ? -4.014  -11.488 -1.227  1.00 19.98 ? 19  DG  B N2    1 
ATOM   383 N N3    . DG  B 1 9  ? -5.788  -11.401 0.210   1.00 22.63 ? 19  DG  B N3    1 
ATOM   384 C C4    . DG  B 1 9  ? -6.098  -11.411 1.529   1.00 24.21 ? 19  DG  B C4    1 
ATOM   385 P P     . DG  B 1 10 ? -12.704 -12.330 0.170   1.00 51.18 ? 20  DG  B P     1 
ATOM   386 O OP1   . DG  B 1 10 ? -13.764 -11.941 -0.824  1.00 52.26 ? 20  DG  B OP1   1 
ATOM   387 O OP2   . DG  B 1 10 ? -13.111 -12.880 1.535   1.00 54.14 ? 20  DG  B OP2   1 
ATOM   388 O "O5'" . DG  B 1 10 ? -11.747 -13.437 -0.543  1.00 47.46 ? 20  DG  B "O5'" 1 
ATOM   389 C "C5'" . DG  B 1 10 ? -11.350 -13.234 -1.894  1.00 41.52 ? 20  DG  B "C5'" 1 
ATOM   390 C "C4'" . DG  B 1 10 ? -10.189 -14.106 -2.287  1.00 39.58 ? 20  DG  B "C4'" 1 
ATOM   391 O "O4'" . DG  B 1 10 ? -9.013  -13.836 -1.543  1.00 33.24 ? 20  DG  B "O4'" 1 
ATOM   392 C "C3'" . DG  B 1 10 ? -10.562 -15.602 -2.132  1.00 39.48 ? 20  DG  B "C3'" 1 
ATOM   393 O "O3'" . DG  B 1 10 ? -10.017 -16.415 -3.162  1.00 42.69 ? 20  DG  B "O3'" 1 
ATOM   394 C "C2'" . DG  B 1 10 ? -9.748  -15.924 -0.866  1.00 36.04 ? 20  DG  B "C2'" 1 
ATOM   395 C "C1'" . DG  B 1 10 ? -8.507  -15.076 -1.036  1.00 32.02 ? 20  DG  B "C1'" 1 
ATOM   396 N N9    . DG  B 1 10 ? -7.722  -14.973 0.228   1.00 27.10 ? 20  DG  B N9    1 
ATOM   397 C C8    . DG  B 1 10 ? -8.199  -14.961 1.453   1.00 22.76 ? 20  DG  B C8    1 
ATOM   398 N N7    . DG  B 1 10 ? -7.290  -14.947 2.338   1.00 20.60 ? 20  DG  B N7    1 
ATOM   399 C C5    . DG  B 1 10 ? -6.105  -14.940 1.622   1.00 21.48 ? 20  DG  B C5    1 
ATOM   400 C C6    . DG  B 1 10 ? -4.752  -14.900 2.074   1.00 23.64 ? 20  DG  B C6    1 
ATOM   401 O O6    . DG  B 1 10 ? -4.406  -14.972 3.235   1.00 25.03 ? 20  DG  B O6    1 
ATOM   402 N N1    . DG  B 1 10 ? -3.864  -14.833 1.010   1.00 20.42 ? 20  DG  B N1    1 
ATOM   403 C C2    . DG  B 1 10 ? -4.161  -14.919 -0.262  1.00 21.03 ? 20  DG  B C2    1 
ATOM   404 N N2    . DG  B 1 10 ? -3.153  -15.069 -1.163  1.00 24.89 ? 20  DG  B N2    1 
ATOM   405 N N3    . DG  B 1 10 ? -5.425  -14.972 -0.692  1.00 24.13 ? 20  DG  B N3    1 
ATOM   406 C C4    . DG  B 1 10 ? -6.334  -14.935 0.327   1.00 25.96 ? 20  DG  B C4    1 
HETATM 407 O O     . HOH C 2 .  ? -1.874  1.471   3.921   1.00 15.31 ? 21  HOH A O     1 
HETATM 408 O O     . HOH C 2 .  ? -7.442  -4.310  -10.830 1.00 14.14 ? 23  HOH A O     1 
HETATM 409 O O     . HOH C 2 .  ? -1.723  5.215   -4.721  1.00 18.87 ? 24  HOH A O     1 
HETATM 410 O O     . HOH C 2 .  ? -3.744  0.306   -8.354  1.00 21.71 ? 27  HOH A O     1 
HETATM 411 O O     . HOH C 2 .  ? 5.194   8.245   3.813   1.00 22.44 ? 29  HOH A O     1 
HETATM 412 O O     . HOH C 2 .  ? -9.933  4.917   -4.174  1.00 27.47 ? 30  HOH A O     1 
HETATM 413 O O     . HOH C 2 .  ? -5.647  -8.665  -4.105  1.00 28.59 ? 31  HOH A O     1 
HETATM 414 O O     . HOH C 2 .  ? 2.458   -12.062 3.827   1.00 29.21 ? 32  HOH A O     1 
HETATM 415 O O     . HOH C 2 .  ? -6.181  -2.232  -0.291  1.00 25.11 ? 33  HOH A O     1 
HETATM 416 O O     . HOH C 2 .  ? 1.340   4.715   4.826   1.00 30.57 ? 34  HOH A O     1 
HETATM 417 O O     . HOH C 2 .  ? -5.015  -1.744  -11.368 1.00 33.77 ? 35  HOH A O     1 
HETATM 418 O O     . HOH C 2 .  ? -5.450  -1.080  2.965   1.00 26.45 ? 37  HOH A O     1 
HETATM 419 O O     . HOH C 2 .  ? -1.068  13.001  2.395   1.00 27.40 ? 38  HOH A O     1 
HETATM 420 O O     . HOH C 2 .  ? 4.239   -5.206  -3.847  1.00 34.45 ? 40  HOH A O     1 
HETATM 421 O O     . HOH C 2 .  ? 3.264   7.891   9.755   1.00 32.89 ? 42  HOH A O     1 
HETATM 422 O O     . HOH C 2 .  ? -2.910  9.367   -1.962  1.00 32.82 ? 45  HOH A O     1 
HETATM 423 O O     . HOH C 2 .  ? -7.008  -7.642  -11.663 1.00 35.26 ? 46  HOH A O     1 
HETATM 424 O O     . HOH C 2 .  ? 5.011   -11.959 -0.400  1.00 25.87 ? 47  HOH A O     1 
HETATM 425 O O     . HOH C 2 .  ? -12.271 3.025   -3.337  1.00 44.25 ? 48  HOH A O     1 
HETATM 426 O O     . HOH C 2 .  ? 9.328   9.501   -0.797  1.00 37.24 ? 50  HOH A O     1 
HETATM 427 O O     . HOH C 2 .  ? -0.029  -1.350  -6.749  1.00 35.72 ? 54  HOH A O     1 
HETATM 428 O O     . HOH C 2 .  ? -0.114  -11.628 5.606   1.00 39.22 ? 56  HOH A O     1 
HETATM 429 O O     . HOH C 2 .  ? 3.803   -7.629  -5.308  1.00 35.61 ? 58  HOH A O     1 
HETATM 430 O O     . HOH C 2 .  ? -6.628  -5.612  -3.190  1.00 44.18 ? 59  HOH A O     1 
HETATM 431 O O     . HOH C 2 .  ? -3.269  10.600  4.568   1.00 40.69 ? 62  HOH A O     1 
HETATM 432 O O     . HOH C 2 .  ? -8.664  -5.288  -7.097  1.00 44.62 ? 66  HOH A O     1 
HETATM 433 O O     . HOH C 2 .  ? -8.994  -2.270  0.745   1.00 35.23 ? 69  HOH A O     1 
HETATM 434 O O     . HOH C 2 .  ? -0.535  13.952  5.328   1.00 44.50 ? 71  HOH A O     1 
HETATM 435 O O     . HOH C 2 .  ? 2.812   -1.968  -4.211  1.00 39.58 ? 72  HOH A O     1 
HETATM 436 O O     . HOH C 2 .  ? -5.920  -9.953  -6.721  1.00 48.19 ? 75  HOH A O     1 
HETATM 437 O O     . HOH C 2 .  ? -5.599  8.873   4.858   1.00 43.60 ? 77  HOH A O     1 
HETATM 438 O O     . HOH C 2 .  ? -10.914 -1.161  -1.461  1.00 49.27 ? 80  HOH A O     1 
HETATM 439 O O     . HOH C 2 .  ? 9.850   19.771  2.585   1.00 52.57 ? 85  HOH A O     1 
HETATM 440 O O     . HOH C 2 .  ? 0.233   16.304  2.828   1.00 62.20 ? 86  HOH A O     1 
HETATM 441 O O     . HOH C 2 .  ? 0.232   -9.350  -4.673  1.00 44.04 ? 87  HOH A O     1 
HETATM 442 O O     . HOH C 2 .  ? -7.789  -7.180  -9.035  1.00 38.95 ? 89  HOH A O     1 
HETATM 443 O O     . HOH C 2 .  ? -11.833 5.259   -1.188  1.00 64.91 ? 90  HOH A O     1 
HETATM 444 O O     . HOH C 2 .  ? 7.111   11.133  -1.995  1.00 57.23 ? 91  HOH A O     1 
HETATM 445 O O     . HOH C 2 .  ? -8.551  7.543   3.529   1.00 64.45 ? 92  HOH A O     1 
HETATM 446 O O     . HOH C 2 .  ? 0.589   -14.754 -7.432  1.00 63.71 ? 94  HOH A O     1 
HETATM 447 O O     . HOH C 2 .  ? -5.188  7.937   1.627   1.00 61.73 ? 95  HOH A O     1 
HETATM 448 O O     . HOH C 2 .  ? -0.491  -13.866 -10.484 1.00 51.91 ? 97  HOH A O     1 
HETATM 449 O O     . HOH D 2 .  ? 6.272   -0.057  -3.203  1.00 14.19 ? 22  HOH B O     1 
HETATM 450 O O     . HOH D 2 .  ? 13.040  1.536   4.145   1.00 14.22 ? 25  HOH B O     1 
HETATM 451 O O     . HOH D 2 .  ? 5.059   -3.429  4.642   1.00 17.72 ? 26  HOH B O     1 
HETATM 452 O O     . HOH D 2 .  ? 12.821  -0.127  -1.654  1.00 25.76 ? 28  HOH B O     1 
HETATM 453 O O     . HOH D 2 .  ? 0.366   7.732   -5.298  1.00 27.01 ? 36  HOH B O     1 
HETATM 454 O O     . HOH D 2 .  ? -3.217  15.042  -0.056  1.00 35.01 ? 39  HOH B O     1 
HETATM 455 O O     . HOH D 2 .  ? -1.709  -16.397 -3.490  1.00 33.19 ? 41  HOH B O     1 
HETATM 456 O O     . HOH D 2 .  ? -3.649  -12.453 -4.492  1.00 34.43 ? 43  HOH B O     1 
HETATM 457 O O     . HOH D 2 .  ? 4.117   3.842   4.558   1.00 36.99 ? 44  HOH B O     1 
HETATM 458 O O     . HOH D 2 .  ? 0.978   -5.436  7.056   1.00 46.66 ? 49  HOH B O     1 
HETATM 459 O O     . HOH D 2 .  ? 6.217   10.442  -11.904 1.00 32.27 ? 51  HOH B O     1 
HETATM 460 O O     . HOH D 2 .  ? -2.268  8.521   -4.878  1.00 36.38 ? 52  HOH B O     1 
HETATM 461 O O     . HOH D 2 .  ? -14.517 -16.047 0.398   1.00 34.09 ? 53  HOH B O     1 
HETATM 462 O O     . HOH D 2 .  ? 1.484   -0.868  11.762  1.00 34.96 ? 55  HOH B O     1 
HETATM 463 O O     . HOH D 2 .  ? -5.600  -0.618  9.938   1.00 34.86 ? 57  HOH B O     1 
HETATM 464 O O     . HOH D 2 .  ? 11.781  4.625   2.754   1.00 49.98 ? 60  HOH B O     1 
HETATM 465 O O     . HOH D 2 .  ? -11.301 -16.024 2.606   1.00 49.24 ? 61  HOH B O     1 
HETATM 466 O O     . HOH D 2 .  ? -1.311  -4.241  11.460  1.00 43.31 ? 63  HOH B O     1 
HETATM 467 O O     . HOH D 2 .  ? 13.867  3.810   5.487   1.00 51.17 ? 64  HOH B O     1 
HETATM 468 O O     . HOH D 2 .  ? 7.192   5.722   2.220   1.00 43.60 ? 65  HOH B O     1 
HETATM 469 O O     . HOH D 2 .  ? 8.203   5.525   5.423   1.00 46.79 ? 67  HOH B O     1 
HETATM 470 O O     . HOH D 2 .  ? -3.753  14.490  -6.223  1.00 50.88 ? 68  HOH B O     1 
HETATM 471 O O     . HOH D 2 .  ? -12.565 -12.643 4.335   1.00 51.87 ? 70  HOH B O     1 
HETATM 472 O O     . HOH D 2 .  ? -4.334  -9.156  11.075  1.00 49.75 ? 73  HOH B O     1 
HETATM 473 O O     . HOH D 2 .  ? 2.508   -8.799  3.582   1.00 47.36 ? 74  HOH B O     1 
HETATM 474 O O     . HOH D 2 .  ? 9.183   3.069   -5.228  1.00 51.80 ? 76  HOH B O     1 
HETATM 475 O O     . HOH D 2 .  ? -8.660  -4.920  2.466   1.00 51.56 ? 78  HOH B O     1 
HETATM 476 O O     . HOH D 2 .  ? 13.984  0.233   -4.522  1.00 50.60 ? 79  HOH B O     1 
HETATM 477 O O     . HOH D 2 .  ? 9.862   6.329   8.201   1.00 56.27 ? 81  HOH B O     1 
HETATM 478 O O     . HOH D 2 .  ? -2.368  -7.457  8.799   1.00 48.27 ? 82  HOH B O     1 
HETATM 479 O O     . HOH D 2 .  ? -2.813  -11.971 5.734   1.00 47.13 ? 83  HOH B O     1 
HETATM 480 O O     . HOH D 2 .  ? 13.918  2.429   -5.631  1.00 49.84 ? 84  HOH B O     1 
HETATM 481 O O     . HOH D 2 .  ? -0.096  -9.304  9.204   1.00 51.59 ? 88  HOH B O     1 
HETATM 482 O O     . HOH D 2 .  ? 6.897   4.091   -7.170  1.00 50.58 ? 93  HOH B O     1 
HETATM 483 O O     . HOH D 2 .  ? -2.577  -1.989  10.972  1.00 66.97 ? 96  HOH B O     1 
HETATM 484 O O     . HOH D 2 .  ? -13.241 -6.313  7.855   0.33 43.02 ? 98  HOH B O     1 
HETATM 485 O O     . HOH D 2 .  ? 1.301   -10.837 11.488  0.50 17.32 ? 99  HOH B O     1 
HETATM 486 O O     . HOH D 2 .  ? -14.552 -13.591 8.455   0.33 44.00 ? 100 HOH B O     1 
# 
